data_6L8E
#
_entry.id   6L8E
#
_cell.length_a   151.352
_cell.length_b   151.352
_cell.length_c   183.778
_cell.angle_alpha   90.000
_cell.angle_beta   90.000
_cell.angle_gamma   90.000
#
_symmetry.space_group_name_H-M   'P 43 21 2'
#
loop_
_entity.id
_entity.type
_entity.pdbx_description
1 polymer 'YefM Antitoxin'
2 polymer 'YoeB toxin'
3 polymer 'DNA (26-mer)'
4 polymer 'DNA (26-mer)'
5 water water
#
loop_
_entity_poly.entity_id
_entity_poly.type
_entity_poly.pdbx_seq_one_letter_code
_entity_poly.pdbx_strand_id
1 'polypeptide(L)'
;MIIKNYSYARQNLKALMTKVNDDSDMVTVTSTDDKNVVIMSESDYNSMMETLYLQQNPNNAEHLAQSIADLERGKTITKD
IDV
;
A,B,C,D,I,J,K,L
2 'polypeptide(L)'
;MARLNITFSPQAFEDYKYFQQNDKKMVKKINELLKSIDRNGALEGIGKPEKLKSNLTGYYSRRINHEHRLVYTVDDNHIK
IASCKYHY
;
E,F,M,N
3 'polydeoxyribonucleotide'
;(DT)(DT)(DA)(DT)(DT)(DG)(DT)(DA)(DC)(DA)(DG)(DA)(DT)(DA)(DT)(DT)(DT)(DG)(DT)(DA)
(DC)(DA)(DA)(DT)(DT)(DG)
;
G,O
4 'polydeoxyribonucleotide'
;(DC)(DA)(DA)(DT)(DT)(DG)(DT)(DA)(DC)(DA)(DA)(DA)(DT)(DA)(DT)(DC)(DT)(DG)(DT)(DA)
(DC)(DA)(DA)(DT)(DA)(DA)
;
H,P
#
# COMPACT_ATOMS: atom_id res chain seq x y z
N MET A 1 -5.89 -44.33 9.11
CA MET A 1 -7.12 -43.55 8.97
C MET A 1 -8.34 -44.34 9.47
N ILE A 2 -8.71 -44.12 10.73
CA ILE A 2 -9.94 -44.70 11.25
C ILE A 2 -11.12 -44.08 10.52
N ILE A 3 -12.04 -44.92 10.06
CA ILE A 3 -13.27 -44.45 9.44
C ILE A 3 -14.42 -44.65 10.42
N LYS A 4 -15.24 -43.62 10.59
CA LYS A 4 -16.44 -43.68 11.42
C LYS A 4 -17.55 -42.92 10.68
N ASN A 5 -18.77 -43.02 11.20
CA ASN A 5 -19.87 -42.25 10.65
C ASN A 5 -20.25 -41.13 11.62
N TYR A 6 -21.06 -40.20 11.09
CA TYR A 6 -21.39 -38.98 11.82
C TYR A 6 -22.00 -39.28 13.19
N SER A 7 -22.97 -40.20 13.23
CA SER A 7 -23.65 -40.51 14.49
C SER A 7 -22.67 -41.03 15.54
N TYR A 8 -21.72 -41.88 15.12
CA TYR A 8 -20.71 -42.33 16.07
C TYR A 8 -19.84 -41.17 16.52
N ALA A 9 -19.44 -40.32 15.58
CA ALA A 9 -18.60 -39.17 15.90
C ALA A 9 -19.30 -38.24 16.89
N ARG A 10 -20.55 -37.88 16.59
CA ARG A 10 -21.33 -37.03 17.48
C ARG A 10 -21.41 -37.63 18.88
N GLN A 11 -21.70 -38.92 18.96
CA GLN A 11 -21.88 -39.57 20.26
C GLN A 11 -20.56 -39.83 20.97
N ASN A 12 -19.42 -39.75 20.28
CA ASN A 12 -18.13 -40.09 20.87
C ASN A 12 -17.07 -39.04 20.56
N LEU A 13 -17.46 -37.76 20.47
CA LEU A 13 -16.57 -36.74 19.94
C LEU A 13 -15.32 -36.59 20.80
N LYS A 14 -15.48 -36.55 22.13
CA LYS A 14 -14.31 -36.40 23.00
C LYS A 14 -13.35 -37.56 22.87
N ALA A 15 -13.87 -38.78 22.70
CA ALA A 15 -13.00 -39.94 22.51
C ALA A 15 -12.20 -39.82 21.22
N LEU A 16 -12.83 -39.32 20.15
CA LEU A 16 -12.12 -39.16 18.88
C LEU A 16 -11.07 -38.06 18.99
N MET A 17 -11.40 -36.97 19.69
CA MET A 17 -10.43 -35.90 19.91
C MET A 17 -9.23 -36.40 20.71
N THR A 18 -9.47 -37.25 21.71
CA THR A 18 -8.38 -37.78 22.51
C THR A 18 -7.54 -38.78 21.72
N LYS A 19 -8.16 -39.53 20.81
CA LYS A 19 -7.41 -40.53 20.06
C LYS A 19 -6.48 -39.88 19.04
N VAL A 20 -6.98 -38.92 18.27
CA VAL A 20 -6.15 -38.31 17.23
C VAL A 20 -5.01 -37.50 17.82
N ASN A 21 -5.09 -37.13 19.09
CA ASN A 21 -4.00 -36.43 19.73
C ASN A 21 -2.99 -37.40 20.34
N ASP A 22 -3.46 -38.43 21.04
CA ASP A 22 -2.56 -39.34 21.73
C ASP A 22 -1.88 -40.30 20.77
N ASP A 23 -2.59 -40.77 19.75
CA ASP A 23 -2.04 -41.73 18.80
C ASP A 23 -1.64 -41.10 17.48
N SER A 24 -1.79 -39.77 17.34
CA SER A 24 -1.44 -39.05 16.12
C SER A 24 -2.02 -39.72 14.88
N ASP A 25 -3.27 -40.17 14.99
CA ASP A 25 -3.97 -40.79 13.89
C ASP A 25 -5.10 -39.87 13.43
N MET A 26 -5.68 -40.19 12.27
CA MET A 26 -6.71 -39.34 11.69
C MET A 26 -8.00 -40.12 11.52
N VAL A 27 -9.11 -39.41 11.66
CA VAL A 27 -10.45 -39.98 11.55
C VAL A 27 -11.15 -39.33 10.37
N THR A 28 -11.67 -40.15 9.47
CA THR A 28 -12.62 -39.69 8.47
C THR A 28 -14.02 -39.96 9.00
N VAL A 29 -14.85 -38.92 9.05
CA VAL A 29 -16.23 -39.03 9.49
C VAL A 29 -17.12 -38.95 8.26
N THR A 30 -17.97 -39.97 8.08
CA THR A 30 -18.76 -40.09 6.88
C THR A 30 -20.14 -39.47 7.07
N SER A 31 -20.66 -38.90 5.98
CA SER A 31 -22.01 -38.38 5.90
C SER A 31 -22.77 -39.15 4.85
N THR A 32 -24.10 -39.17 4.98
CA THR A 32 -24.91 -39.84 3.97
C THR A 32 -25.19 -38.96 2.76
N ASP A 33 -24.92 -37.66 2.87
CA ASP A 33 -25.09 -36.70 1.79
C ASP A 33 -23.74 -36.32 1.16
N ASP A 34 -22.69 -37.10 1.40
CA ASP A 34 -21.38 -36.90 0.80
C ASP A 34 -20.72 -35.60 1.29
N LYS A 35 -20.98 -35.25 2.56
CA LYS A 35 -20.29 -34.12 3.17
C LYS A 35 -19.33 -34.64 4.25
N ASN A 36 -18.36 -35.46 3.84
CA ASN A 36 -17.44 -36.09 4.78
C ASN A 36 -16.34 -35.13 5.22
N VAL A 37 -15.74 -35.42 6.37
CA VAL A 37 -14.67 -34.61 6.92
C VAL A 37 -13.52 -35.51 7.36
N VAL A 38 -12.35 -34.88 7.54
CA VAL A 38 -11.20 -35.52 8.17
C VAL A 38 -10.87 -34.73 9.42
N ILE A 39 -10.63 -35.43 10.52
CA ILE A 39 -10.27 -34.82 11.79
C ILE A 39 -8.84 -35.23 12.14
N MET A 40 -8.03 -34.24 12.51
CA MET A 40 -6.65 -34.47 12.90
C MET A 40 -6.31 -33.55 14.06
N SER A 41 -5.20 -33.86 14.74
CA SER A 41 -4.73 -33.01 15.82
C SER A 41 -4.27 -31.66 15.25
N GLU A 42 -4.29 -30.64 16.12
CA GLU A 42 -3.77 -29.34 15.73
C GLU A 42 -2.29 -29.44 15.37
N SER A 43 -1.54 -30.27 16.09
CA SER A 43 -0.12 -30.45 15.81
C SER A 43 0.09 -31.02 14.41
N ASP A 44 -0.68 -32.03 14.04
CA ASP A 44 -0.56 -32.61 12.71
C ASP A 44 -1.00 -31.63 11.64
N TYR A 45 -2.03 -30.83 11.93
CA TYR A 45 -2.49 -29.85 10.96
C TYR A 45 -1.42 -28.81 10.69
N ASN A 46 -0.82 -28.26 11.76
CA ASN A 46 0.27 -27.30 11.61
C ASN A 46 1.42 -27.89 10.79
N SER A 47 1.81 -29.13 11.10
CA SER A 47 2.90 -29.76 10.37
C SER A 47 2.54 -29.92 8.90
N MET A 48 1.31 -30.37 8.63
CA MET A 48 0.88 -30.59 7.25
C MET A 48 0.85 -29.29 6.47
N MET A 49 0.30 -28.23 7.05
CA MET A 49 0.18 -26.97 6.33
C MET A 49 1.53 -26.35 6.03
N GLU A 50 2.52 -26.55 6.91
CA GLU A 50 3.82 -25.93 6.68
C GLU A 50 4.54 -26.56 5.49
N THR A 51 4.52 -27.89 5.39
CA THR A 51 5.03 -28.54 4.19
C THR A 51 4.21 -28.15 2.97
N LEU A 52 2.89 -28.10 3.12
CA LEU A 52 2.04 -27.67 2.01
C LEU A 52 2.40 -26.27 1.54
N TYR A 53 2.68 -25.36 2.47
CA TYR A 53 3.06 -24.01 2.09
C TYR A 53 4.31 -24.00 1.22
N LEU A 54 5.29 -24.82 1.58
CA LEU A 54 6.54 -24.86 0.83
C LEU A 54 6.36 -25.55 -0.53
N GLN A 55 5.43 -26.48 -0.63
CA GLN A 55 5.26 -27.28 -1.84
C GLN A 55 4.22 -26.72 -2.80
N GLN A 56 3.31 -25.88 -2.32
CA GLN A 56 2.16 -25.46 -3.14
C GLN A 56 2.62 -24.68 -4.36
N ASN A 57 3.64 -23.86 -4.22
CA ASN A 57 4.20 -23.14 -5.36
C ASN A 57 5.17 -24.04 -6.10
N PRO A 58 4.92 -24.36 -7.38
CA PRO A 58 5.83 -25.29 -8.09
C PRO A 58 7.26 -24.78 -8.16
N ASN A 59 7.47 -23.47 -8.28
CA ASN A 59 8.83 -22.95 -8.38
C ASN A 59 9.56 -23.08 -7.05
N ASN A 60 8.88 -22.80 -5.93
CA ASN A 60 9.50 -23.00 -4.63
C ASN A 60 9.74 -24.47 -4.34
N ALA A 61 8.82 -25.34 -4.78
CA ALA A 61 9.03 -26.78 -4.62
C ALA A 61 10.27 -27.21 -5.39
N GLU A 62 10.42 -26.74 -6.63
CA GLU A 62 11.59 -27.10 -7.42
C GLU A 62 12.85 -26.48 -6.84
N HIS A 63 12.76 -25.26 -6.33
CA HIS A 63 13.90 -24.63 -5.66
C HIS A 63 14.36 -25.47 -4.47
N LEU A 64 13.41 -25.99 -3.69
CA LEU A 64 13.75 -26.82 -2.54
C LEU A 64 14.32 -28.16 -2.98
N ALA A 65 13.70 -28.80 -3.98
CA ALA A 65 14.20 -30.08 -4.48
C ALA A 65 15.63 -29.95 -4.99
N GLN A 66 15.91 -28.90 -5.77
CA GLN A 66 17.24 -28.69 -6.33
C GLN A 66 18.26 -28.36 -5.24
N SER A 67 17.85 -27.56 -4.25
CA SER A 67 18.79 -27.16 -3.20
C SER A 67 19.15 -28.33 -2.30
N ILE A 68 18.15 -29.15 -1.94
CA ILE A 68 18.41 -30.33 -1.15
C ILE A 68 19.29 -31.31 -1.91
N ALA A 69 19.07 -31.43 -3.23
CA ALA A 69 19.91 -32.28 -4.06
C ALA A 69 21.35 -31.79 -4.07
N ASP A 70 21.53 -30.47 -4.20
CA ASP A 70 22.87 -29.89 -4.16
C ASP A 70 23.57 -30.23 -2.85
N LEU A 71 22.87 -30.04 -1.73
CA LEU A 71 23.46 -30.35 -0.43
C LEU A 71 23.84 -31.81 -0.32
N GLU A 72 23.03 -32.70 -0.90
CA GLU A 72 23.29 -34.13 -0.79
C GLU A 72 24.33 -34.61 -1.78
N ARG A 73 24.62 -33.83 -2.82
CA ARG A 73 25.70 -34.11 -3.75
C ARG A 73 26.94 -33.27 -3.47
N GLY A 74 26.97 -32.55 -2.35
CA GLY A 74 28.18 -31.87 -1.95
C GLY A 74 28.47 -30.57 -2.67
N LYS A 75 27.53 -30.08 -3.48
CA LYS A 75 27.64 -28.78 -4.14
C LYS A 75 27.16 -27.71 -3.17
N THR A 76 28.06 -27.14 -2.39
CA THR A 76 27.69 -26.27 -1.29
C THR A 76 28.60 -25.05 -1.23
N ILE A 77 28.20 -24.11 -0.36
CA ILE A 77 28.99 -22.93 -0.03
C ILE A 77 29.04 -22.84 1.49
N THR A 78 30.24 -22.66 2.03
CA THR A 78 30.38 -22.45 3.47
C THR A 78 30.40 -20.96 3.79
N LYS A 79 29.65 -20.58 4.82
CA LYS A 79 29.74 -19.25 5.40
C LYS A 79 30.06 -19.37 6.88
N ASP A 80 30.84 -18.42 7.38
CA ASP A 80 31.06 -18.23 8.80
C ASP A 80 30.26 -17.00 9.25
N ILE A 81 29.39 -17.19 10.24
CA ILE A 81 28.42 -16.19 10.63
C ILE A 81 28.56 -15.92 12.11
N ASP A 82 28.83 -14.65 12.46
CA ASP A 82 28.89 -14.22 13.84
C ASP A 82 27.47 -14.08 14.38
N VAL A 83 27.22 -14.69 15.53
CA VAL A 83 25.86 -15.00 15.93
C VAL A 83 25.61 -14.64 17.39
N MET B 1 -10.36 -19.85 9.13
CA MET B 1 -10.46 -20.82 10.20
C MET B 1 -11.59 -20.47 11.17
N ILE B 2 -12.57 -21.37 11.27
CA ILE B 2 -13.63 -21.26 12.26
C ILE B 2 -13.14 -21.87 13.56
N ILE B 3 -13.46 -21.22 14.68
CA ILE B 3 -13.04 -21.67 15.99
C ILE B 3 -14.28 -21.86 16.86
N LYS B 4 -14.45 -23.07 17.39
CA LYS B 4 -15.56 -23.42 18.26
C LYS B 4 -15.04 -24.34 19.35
N ASN B 5 -15.66 -24.26 20.53
CA ASN B 5 -15.24 -25.17 21.60
C ASN B 5 -15.91 -26.53 21.41
N TYR B 6 -15.50 -27.49 22.24
CA TYR B 6 -15.94 -28.87 22.08
C TYR B 6 -17.46 -28.98 22.18
N SER B 7 -18.05 -28.36 23.22
CA SER B 7 -19.48 -28.50 23.44
C SER B 7 -20.28 -27.99 22.25
N TYR B 8 -19.88 -26.86 21.69
CA TYR B 8 -20.57 -26.35 20.50
C TYR B 8 -20.40 -27.30 19.32
N ALA B 9 -19.19 -27.82 19.12
CA ALA B 9 -18.94 -28.70 17.98
C ALA B 9 -19.80 -29.95 18.05
N ARG B 10 -19.97 -30.51 19.24
CA ARG B 10 -20.83 -31.68 19.39
C ARG B 10 -22.30 -31.32 19.15
N GLN B 11 -22.76 -30.19 19.68
CA GLN B 11 -24.16 -29.80 19.50
C GLN B 11 -24.48 -29.46 18.06
N ASN B 12 -23.47 -29.11 17.25
CA ASN B 12 -23.68 -28.64 15.88
C ASN B 12 -22.78 -29.37 14.89
N LEU B 13 -22.43 -30.62 15.19
CA LEU B 13 -21.45 -31.34 14.38
C LEU B 13 -21.84 -31.38 12.91
N LYS B 14 -23.10 -31.73 12.62
CA LYS B 14 -23.51 -31.83 11.22
C LYS B 14 -23.35 -30.50 10.51
N ALA B 15 -23.84 -29.40 11.10
CA ALA B 15 -23.69 -28.08 10.50
C ALA B 15 -22.23 -27.78 10.16
N LEU B 16 -21.32 -28.12 11.07
CA LEU B 16 -19.89 -27.89 10.82
C LEU B 16 -19.40 -28.72 9.65
N MET B 17 -19.86 -29.98 9.57
CA MET B 17 -19.41 -30.88 8.51
C MET B 17 -19.81 -30.36 7.13
N THR B 18 -21.06 -29.93 6.97
CA THR B 18 -21.45 -29.34 5.68
C THR B 18 -20.83 -27.96 5.49
N LYS B 19 -20.46 -27.29 6.59
CA LYS B 19 -19.84 -25.96 6.48
C LYS B 19 -18.47 -26.06 5.83
N VAL B 20 -17.61 -26.95 6.34
CA VAL B 20 -16.26 -27.07 5.80
C VAL B 20 -16.29 -27.58 4.37
N ASN B 21 -17.33 -28.34 4.00
CA ASN B 21 -17.46 -28.78 2.62
C ASN B 21 -17.96 -27.67 1.71
N ASP B 22 -18.94 -26.90 2.17
CA ASP B 22 -19.47 -25.81 1.34
C ASP B 22 -18.44 -24.71 1.15
N ASP B 23 -17.71 -24.36 2.21
CA ASP B 23 -16.83 -23.20 2.21
C ASP B 23 -15.38 -23.53 1.89
N SER B 24 -15.04 -24.82 1.76
CA SER B 24 -13.65 -25.25 1.66
C SER B 24 -12.84 -24.60 2.77
N ASP B 25 -13.40 -24.64 3.97
CA ASP B 25 -12.91 -23.98 5.16
C ASP B 25 -12.56 -25.03 6.20
N MET B 26 -12.12 -24.60 7.37
CA MET B 26 -11.72 -25.52 8.41
C MET B 26 -12.26 -25.03 9.75
N VAL B 27 -12.35 -25.97 10.69
CA VAL B 27 -12.78 -25.70 12.05
C VAL B 27 -11.71 -26.21 12.99
N THR B 28 -11.30 -25.38 13.94
CA THR B 28 -10.50 -25.85 15.06
C THR B 28 -11.42 -25.97 16.27
N VAL B 29 -11.44 -27.15 16.87
CA VAL B 29 -12.26 -27.43 18.03
C VAL B 29 -11.36 -27.42 19.26
N THR B 30 -11.61 -26.49 20.17
CA THR B 30 -10.79 -26.38 21.37
C THR B 30 -11.33 -27.29 22.47
N SER B 31 -10.46 -27.59 23.43
CA SER B 31 -10.82 -28.43 24.56
C SER B 31 -10.04 -27.95 25.77
N THR B 32 -10.59 -28.20 26.95
CA THR B 32 -9.98 -27.71 28.18
C THR B 32 -8.79 -28.54 28.63
N ASP B 33 -8.62 -29.76 28.12
CA ASP B 33 -7.49 -30.61 28.48
C ASP B 33 -6.46 -30.69 27.35
N ASP B 34 -6.39 -29.66 26.51
CA ASP B 34 -5.30 -29.48 25.54
C ASP B 34 -5.30 -30.60 24.48
N LYS B 35 -6.49 -30.99 24.03
CA LYS B 35 -6.59 -31.98 22.97
C LYS B 35 -7.35 -31.41 21.78
N ASN B 36 -6.87 -30.28 21.23
CA ASN B 36 -7.54 -29.63 20.13
C ASN B 36 -7.45 -30.47 18.85
N VAL B 37 -8.46 -30.33 17.99
CA VAL B 37 -8.47 -30.98 16.69
C VAL B 37 -8.84 -29.95 15.63
N VAL B 38 -8.56 -30.32 14.38
CA VAL B 38 -8.94 -29.53 13.21
C VAL B 38 -9.79 -30.40 12.31
N ILE B 39 -10.87 -29.82 11.78
CA ILE B 39 -11.79 -30.52 10.89
C ILE B 39 -11.76 -29.83 9.53
N MET B 40 -11.57 -30.61 8.48
CA MET B 40 -11.58 -30.12 7.10
C MET B 40 -12.40 -31.09 6.26
N SER B 41 -12.83 -30.62 5.09
CA SER B 41 -13.55 -31.48 4.16
C SER B 41 -12.62 -32.58 3.63
N GLU B 42 -13.18 -33.77 3.44
CA GLU B 42 -12.38 -34.89 2.94
C GLU B 42 -11.77 -34.55 1.59
N SER B 43 -12.52 -33.85 0.72
CA SER B 43 -12.01 -33.51 -0.59
C SER B 43 -10.87 -32.50 -0.50
N ASP B 44 -10.89 -31.63 0.51
CA ASP B 44 -9.76 -30.73 0.73
C ASP B 44 -8.55 -31.49 1.23
N TYR B 45 -8.76 -32.46 2.12
CA TYR B 45 -7.66 -33.29 2.61
C TYR B 45 -7.01 -34.05 1.46
N ASN B 46 -7.82 -34.65 0.60
CA ASN B 46 -7.29 -35.41 -0.53
C ASN B 46 -6.56 -34.49 -1.51
N SER B 47 -7.08 -33.28 -1.72
CA SER B 47 -6.40 -32.34 -2.62
C SER B 47 -5.04 -31.95 -2.06
N MET B 48 -4.98 -31.63 -0.77
CA MET B 48 -3.73 -31.20 -0.15
C MET B 48 -2.71 -32.34 -0.11
N MET B 49 -3.15 -33.54 0.26
CA MET B 49 -2.25 -34.70 0.25
C MET B 49 -1.65 -34.91 -1.14
N GLU B 50 -2.48 -34.80 -2.18
CA GLU B 50 -1.99 -34.95 -3.55
C GLU B 50 -0.92 -33.90 -3.87
N THR B 51 -1.16 -32.66 -3.44
CA THR B 51 -0.23 -31.58 -3.74
C THR B 51 1.13 -31.82 -3.09
N LEU B 52 1.13 -32.14 -1.80
CA LEU B 52 2.39 -32.23 -1.06
C LEU B 52 3.09 -33.57 -1.24
N TYR B 53 2.43 -34.58 -1.79
CA TYR B 53 3.09 -35.84 -2.14
C TYR B 53 3.16 -36.01 -3.66
N LEU B 54 3.43 -34.90 -4.35
CA LEU B 54 3.69 -34.81 -5.80
C LEU B 54 3.24 -36.00 -6.64
N MET C 1 -5.12 3.74 13.20
CA MET C 1 -4.44 2.84 14.12
C MET C 1 -4.28 3.47 15.50
N ILE C 2 -5.04 2.96 16.47
CA ILE C 2 -4.86 3.35 17.86
C ILE C 2 -3.54 2.78 18.37
N ILE C 3 -2.83 3.56 19.19
CA ILE C 3 -1.57 3.12 19.78
C ILE C 3 -1.72 3.13 21.29
N LYS C 4 -1.44 1.99 21.93
CA LYS C 4 -1.47 1.83 23.37
C LYS C 4 -0.23 1.08 23.81
N ASN C 5 0.13 1.24 25.08
CA ASN C 5 1.26 0.50 25.60
C ASN C 5 0.80 -0.81 26.22
N TYR C 6 1.77 -1.69 26.48
CA TYR C 6 1.46 -3.04 26.94
C TYR C 6 0.62 -3.04 28.21
N SER C 7 1.00 -2.20 29.18
CA SER C 7 0.31 -2.18 30.47
C SER C 7 -1.15 -1.79 30.30
N TYR C 8 -1.43 -0.79 29.47
CA TYR C 8 -2.81 -0.42 29.23
C TYR C 8 -3.59 -1.55 28.57
N ALA C 9 -2.97 -2.22 27.60
CA ALA C 9 -3.63 -3.33 26.91
C ALA C 9 -3.95 -4.47 27.86
N ARG C 10 -3.03 -4.77 28.79
CA ARG C 10 -3.27 -5.80 29.78
C ARG C 10 -4.46 -5.43 30.67
N GLN C 11 -4.46 -4.20 31.19
CA GLN C 11 -5.50 -3.77 32.12
C GLN C 11 -6.83 -3.47 31.43
N ASN C 12 -6.85 -3.40 30.09
CA ASN C 12 -8.08 -3.05 29.38
C ASN C 12 -8.29 -3.94 28.16
N LEU C 13 -7.93 -5.22 28.26
CA LEU C 13 -7.94 -6.10 27.09
C LEU C 13 -9.34 -6.25 26.49
N LYS C 14 -10.36 -6.46 27.34
CA LYS C 14 -11.70 -6.69 26.82
C LYS C 14 -12.23 -5.46 26.10
N ALA C 15 -11.86 -4.26 26.55
CA ALA C 15 -12.30 -3.05 25.87
C ALA C 15 -11.63 -2.89 24.51
N LEU C 16 -10.35 -3.29 24.41
CA LEU C 16 -9.67 -3.27 23.12
C LEU C 16 -10.31 -4.26 22.15
N MET C 17 -10.57 -5.48 22.62
CA MET C 17 -11.24 -6.48 21.80
C MET C 17 -12.60 -5.98 21.34
N THR C 18 -13.35 -5.33 22.24
CA THR C 18 -14.64 -4.77 21.86
C THR C 18 -14.48 -3.69 20.79
N LYS C 19 -13.47 -2.83 20.96
CA LYS C 19 -13.34 -1.67 20.08
C LYS C 19 -12.97 -2.07 18.66
N VAL C 20 -11.93 -2.89 18.50
CA VAL C 20 -11.54 -3.31 17.16
C VAL C 20 -12.64 -4.11 16.47
N ASN C 21 -13.57 -4.70 17.23
CA ASN C 21 -14.67 -5.42 16.61
C ASN C 21 -15.82 -4.48 16.27
N ASP C 22 -16.16 -3.56 17.18
CA ASP C 22 -17.28 -2.65 16.94
C ASP C 22 -16.92 -1.58 15.92
N ASP C 23 -15.75 -0.95 16.07
CA ASP C 23 -15.36 0.16 15.21
C ASP C 23 -14.52 -0.28 14.02
N SER C 24 -14.24 -1.57 13.87
CA SER C 24 -13.40 -2.09 12.79
C SER C 24 -12.05 -1.38 12.73
N ASP C 25 -11.60 -0.89 13.87
CA ASP C 25 -10.28 -0.28 13.96
C ASP C 25 -9.26 -1.34 14.35
N MET C 26 -8.00 -0.93 14.40
CA MET C 26 -6.92 -1.78 14.90
C MET C 26 -6.17 -1.01 15.97
N VAL C 27 -5.45 -1.75 16.81
CA VAL C 27 -4.60 -1.15 17.83
C VAL C 27 -3.21 -1.75 17.73
N THR C 28 -2.20 -0.89 17.81
CA THR C 28 -0.83 -1.33 18.00
C THR C 28 -0.52 -1.25 19.50
N VAL C 29 -0.01 -2.34 20.04
CA VAL C 29 0.37 -2.41 21.45
C VAL C 29 1.89 -2.43 21.53
N THR C 30 2.46 -1.43 22.17
CA THR C 30 3.91 -1.27 22.23
C THR C 30 4.48 -1.97 23.45
N SER C 31 5.76 -2.31 23.36
CA SER C 31 6.53 -2.83 24.48
C SER C 31 7.90 -2.18 24.47
N THR C 32 8.57 -2.20 25.62
CA THR C 32 9.84 -1.50 25.75
C THR C 32 11.00 -2.21 25.07
N ASP C 33 10.86 -3.50 24.76
CA ASP C 33 11.89 -4.21 24.01
C ASP C 33 11.56 -4.29 22.52
N ASP C 34 10.61 -3.48 22.05
CA ASP C 34 10.26 -3.26 20.64
C ASP C 34 9.47 -4.40 19.97
N LYS C 35 9.25 -5.55 20.61
CA LYS C 35 8.43 -6.57 19.97
C LYS C 35 6.95 -6.20 20.18
N ASN C 36 6.51 -5.26 19.35
CA ASN C 36 5.14 -4.77 19.34
C ASN C 36 4.23 -5.73 18.59
N VAL C 37 2.92 -5.57 18.81
CA VAL C 37 1.90 -6.34 18.13
C VAL C 37 0.83 -5.37 17.63
N VAL C 38 0.08 -5.82 16.63
CA VAL C 38 -1.15 -5.14 16.25
C VAL C 38 -2.29 -6.12 16.44
N ILE C 39 -3.43 -5.60 16.87
CA ILE C 39 -4.61 -6.39 17.19
C ILE C 39 -5.74 -5.94 16.27
N MET C 40 -6.40 -6.89 15.63
CA MET C 40 -7.52 -6.60 14.76
C MET C 40 -8.61 -7.63 15.02
N SER C 41 -9.81 -7.34 14.52
CA SER C 41 -10.90 -8.30 14.65
C SER C 41 -10.61 -9.55 13.82
N GLU C 42 -11.22 -10.68 14.22
CA GLU C 42 -11.03 -11.90 13.47
C GLU C 42 -11.59 -11.77 12.06
N SER C 43 -12.63 -10.95 11.89
CA SER C 43 -13.18 -10.75 10.56
C SER C 43 -12.27 -9.88 9.70
N ASP C 44 -11.69 -8.83 10.28
CA ASP C 44 -10.70 -8.05 9.54
C ASP C 44 -9.50 -8.90 9.15
N TYR C 45 -9.09 -9.81 10.04
CA TYR C 45 -7.96 -10.68 9.75
C TYR C 45 -8.25 -11.58 8.55
N ASN C 46 -9.40 -12.26 8.58
CA ASN C 46 -9.79 -13.12 7.46
C ASN C 46 -9.83 -12.34 6.15
N SER C 47 -10.33 -11.11 6.19
CA SER C 47 -10.43 -10.30 4.98
C SER C 47 -9.04 -9.95 4.43
N MET C 48 -8.14 -9.52 5.32
CA MET C 48 -6.79 -9.18 4.88
C MET C 48 -6.06 -10.39 4.34
N MET C 49 -6.18 -11.53 5.04
CA MET C 49 -5.47 -12.74 4.63
C MET C 49 -5.90 -13.21 3.25
N GLU C 50 -7.19 -13.06 2.93
CA GLU C 50 -7.68 -13.50 1.62
C GLU C 50 -7.13 -12.63 0.50
N THR C 51 -7.09 -11.32 0.71
CA THR C 51 -6.44 -10.44 -0.26
C THR C 51 -4.95 -10.72 -0.33
N LEU C 52 -4.30 -10.92 0.83
CA LEU C 52 -2.88 -11.26 0.85
C LEU C 52 -2.62 -12.53 0.06
N TYR C 53 -3.50 -13.53 0.21
CA TYR C 53 -3.33 -14.79 -0.50
C TYR C 53 -3.27 -14.59 -2.00
N LEU C 54 -4.15 -13.73 -2.53
CA LEU C 54 -4.18 -13.49 -3.97
C LEU C 54 -3.05 -12.58 -4.41
N GLN C 55 -2.57 -11.69 -3.54
CA GLN C 55 -1.50 -10.76 -3.89
C GLN C 55 -0.10 -11.31 -3.63
N GLN C 56 0.02 -12.31 -2.75
CA GLN C 56 1.33 -12.80 -2.32
C GLN C 56 2.17 -13.25 -3.51
N ASN C 57 1.58 -14.02 -4.41
CA ASN C 57 2.29 -14.50 -5.58
C ASN C 57 2.30 -13.42 -6.65
N PRO C 58 3.47 -12.93 -7.08
CA PRO C 58 3.49 -11.83 -8.05
C PRO C 58 2.78 -12.16 -9.35
N ASN C 59 2.88 -13.41 -9.81
CA ASN C 59 2.24 -13.79 -11.06
C ASN C 59 0.72 -13.86 -10.94
N ASN C 60 0.21 -14.27 -9.78
CA ASN C 60 -1.24 -14.25 -9.58
C ASN C 60 -1.75 -12.82 -9.44
N ALA C 61 -0.97 -11.96 -8.78
CA ALA C 61 -1.35 -10.55 -8.68
C ALA C 61 -1.40 -9.90 -10.05
N GLU C 62 -0.40 -10.18 -10.89
CA GLU C 62 -0.39 -9.65 -12.26
C GLU C 62 -1.54 -10.24 -13.08
N HIS C 63 -1.80 -11.53 -12.92
CA HIS C 63 -2.91 -12.19 -13.61
C HIS C 63 -4.23 -11.53 -13.24
N LEU C 64 -4.44 -11.28 -11.95
CA LEU C 64 -5.68 -10.64 -11.50
C LEU C 64 -5.79 -9.21 -12.03
N ALA C 65 -4.69 -8.44 -11.94
CA ALA C 65 -4.75 -7.05 -12.38
C ALA C 65 -5.03 -6.96 -13.88
N GLN C 66 -4.46 -7.87 -14.67
CA GLN C 66 -4.72 -7.86 -16.11
C GLN C 66 -6.14 -8.30 -16.42
N SER C 67 -6.64 -9.29 -15.69
CA SER C 67 -8.01 -9.76 -15.90
C SER C 67 -9.03 -8.67 -15.56
N ILE C 68 -8.77 -7.90 -14.50
CA ILE C 68 -9.69 -6.84 -14.10
C ILE C 68 -9.64 -5.69 -15.10
N ALA C 69 -8.46 -5.39 -15.65
CA ALA C 69 -8.36 -4.39 -16.70
C ALA C 69 -9.05 -4.86 -17.97
N ASP C 70 -8.89 -6.15 -18.31
CA ASP C 70 -9.60 -6.71 -19.46
C ASP C 70 -11.10 -6.55 -19.31
N LEU C 71 -11.64 -6.92 -18.15
CA LEU C 71 -13.05 -6.69 -17.88
C LEU C 71 -13.41 -5.21 -17.93
N GLU C 72 -12.46 -4.35 -17.60
CA GLU C 72 -12.72 -2.91 -17.62
C GLU C 72 -12.86 -2.39 -19.05
N ARG C 73 -11.92 -2.75 -19.92
CA ARG C 73 -11.93 -2.27 -21.30
C ARG C 73 -12.83 -3.10 -22.21
N GLY C 74 -13.39 -4.20 -21.72
CA GLY C 74 -14.36 -4.94 -22.50
C GLY C 74 -13.79 -6.02 -23.37
N LYS C 75 -12.53 -6.43 -23.14
CA LYS C 75 -11.95 -7.58 -23.84
C LYS C 75 -12.36 -8.83 -23.06
N THR C 76 -13.57 -9.29 -23.33
CA THR C 76 -14.22 -10.29 -22.49
C THR C 76 -14.79 -11.43 -23.34
N ILE C 77 -15.34 -12.42 -22.65
CA ILE C 77 -16.06 -13.53 -23.26
C ILE C 77 -17.33 -13.76 -22.46
N THR C 78 -18.48 -13.71 -23.11
CA THR C 78 -19.77 -13.85 -22.45
C THR C 78 -20.44 -15.13 -22.91
N LYS C 79 -20.86 -15.95 -21.95
CA LYS C 79 -21.50 -17.23 -22.23
C LYS C 79 -22.64 -17.43 -21.25
N ASP C 80 -23.68 -18.12 -21.71
CA ASP C 80 -24.71 -18.61 -20.82
C ASP C 80 -24.25 -19.92 -20.19
N ILE C 81 -24.47 -20.05 -18.89
CA ILE C 81 -24.04 -21.21 -18.13
C ILE C 81 -25.23 -21.78 -17.38
N ASP C 82 -25.44 -23.08 -17.50
CA ASP C 82 -26.54 -23.76 -16.83
C ASP C 82 -26.07 -24.30 -15.50
N VAL C 83 -26.70 -23.82 -14.42
CA VAL C 83 -26.21 -24.08 -13.07
C VAL C 83 -27.27 -24.71 -12.18
N MET D 1 -1.09 -20.82 13.90
CA MET D 1 -2.09 -20.03 14.63
C MET D 1 -2.28 -20.57 16.04
N ILE D 2 -1.87 -19.78 17.03
CA ILE D 2 -2.17 -20.09 18.41
C ILE D 2 -3.60 -19.67 18.72
N ILE D 3 -4.31 -20.48 19.51
CA ILE D 3 -5.68 -20.17 19.93
C ILE D 3 -5.72 -20.20 21.44
N LYS D 4 -6.14 -19.09 22.03
CA LYS D 4 -6.23 -18.93 23.48
C LYS D 4 -7.53 -18.21 23.80
N ASN D 5 -8.04 -18.43 25.01
CA ASN D 5 -9.21 -17.67 25.41
C ASN D 5 -8.78 -16.34 26.03
N TYR D 6 -9.74 -15.43 26.18
CA TYR D 6 -9.46 -14.08 26.65
C TYR D 6 -8.73 -14.09 27.99
N SER D 7 -9.17 -14.92 28.92
CA SER D 7 -8.58 -14.92 30.25
C SER D 7 -7.12 -15.38 30.22
N TYR D 8 -6.82 -16.43 29.45
CA TYR D 8 -5.42 -16.83 29.31
C TYR D 8 -4.60 -15.75 28.63
N ALA D 9 -5.16 -15.13 27.59
CA ALA D 9 -4.43 -14.10 26.85
C ALA D 9 -4.04 -12.93 27.74
N ARG D 10 -4.98 -12.46 28.58
CA ARG D 10 -4.64 -11.39 29.51
C ARG D 10 -3.64 -11.87 30.54
N GLN D 11 -3.83 -13.07 31.07
CA GLN D 11 -2.92 -13.61 32.07
C GLN D 11 -1.49 -13.72 31.54
N ASN D 12 -1.35 -13.89 30.22
CA ASN D 12 -0.06 -14.18 29.61
C ASN D 12 0.22 -13.25 28.43
N LEU D 13 -0.19 -11.99 28.52
CA LEU D 13 -0.13 -11.08 27.37
C LEU D 13 1.31 -10.84 26.92
N LYS D 14 2.22 -10.58 27.86
CA LYS D 14 3.60 -10.28 27.48
C LYS D 14 4.25 -11.48 26.81
N ALA D 15 4.02 -12.69 27.34
CA ALA D 15 4.56 -13.89 26.72
C ALA D 15 4.03 -14.07 25.31
N LEU D 16 2.74 -13.77 25.10
CA LEU D 16 2.16 -13.90 23.76
C LEU D 16 2.69 -12.84 22.80
N MET D 17 2.91 -11.62 23.29
CA MET D 17 3.51 -10.58 22.46
C MET D 17 4.93 -10.98 22.02
N THR D 18 5.71 -11.52 22.96
CA THR D 18 7.04 -12.02 22.63
C THR D 18 6.95 -13.14 21.60
N LYS D 19 6.01 -14.07 21.78
CA LYS D 19 5.98 -15.26 20.96
C LYS D 19 5.63 -14.94 19.51
N VAL D 20 4.64 -14.07 19.29
CA VAL D 20 4.26 -13.74 17.92
C VAL D 20 5.36 -12.97 17.20
N ASN D 21 6.22 -12.27 17.94
CA ASN D 21 7.37 -11.62 17.30
C ASN D 21 8.48 -12.63 17.02
N ASP D 22 8.78 -13.49 18.00
CA ASP D 22 9.85 -14.47 17.84
C ASP D 22 9.51 -15.49 16.75
N ASP D 23 8.27 -15.97 16.72
CA ASP D 23 7.87 -17.07 15.85
C ASP D 23 7.19 -16.61 14.56
N SER D 24 6.89 -15.32 14.43
CA SER D 24 6.20 -14.78 13.26
C SER D 24 4.90 -15.54 12.99
N ASP D 25 4.19 -15.95 14.04
CA ASP D 25 2.84 -16.42 13.84
C ASP D 25 1.88 -15.59 14.68
N MET D 26 0.67 -16.10 14.94
CA MET D 26 -0.39 -15.24 15.42
C MET D 26 -1.19 -15.95 16.50
N VAL D 27 -1.99 -15.16 17.21
CA VAL D 27 -2.87 -15.65 18.25
C VAL D 27 -4.27 -15.15 17.95
N THR D 28 -5.21 -16.07 17.79
CA THR D 28 -6.62 -15.75 17.91
C THR D 28 -7.02 -15.95 19.36
N VAL D 29 -7.46 -14.87 20.01
CA VAL D 29 -7.98 -14.96 21.37
C VAL D 29 -9.49 -14.90 21.29
N THR D 30 -10.15 -15.86 21.94
CA THR D 30 -11.58 -16.07 21.81
C THR D 30 -12.32 -15.38 22.94
N SER D 31 -13.59 -15.07 22.68
CA SER D 31 -14.46 -14.43 23.65
C SER D 31 -15.81 -15.15 23.65
N THR D 32 -16.56 -14.98 24.74
CA THR D 32 -17.88 -15.56 24.85
C THR D 32 -18.93 -14.78 24.06
N ASP D 33 -18.65 -13.53 23.70
CA ASP D 33 -19.63 -12.62 23.14
C ASP D 33 -19.30 -12.21 21.69
N ASP D 34 -18.65 -13.10 20.95
CA ASP D 34 -18.38 -12.90 19.52
C ASP D 34 -17.58 -11.63 19.26
N LYS D 35 -16.51 -11.43 20.03
CA LYS D 35 -15.57 -10.33 19.85
C LYS D 35 -14.14 -10.85 19.81
N ASN D 36 -13.91 -11.88 19.00
CA ASN D 36 -12.58 -12.44 18.83
C ASN D 36 -11.66 -11.45 18.12
N VAL D 37 -10.37 -11.52 18.47
CA VAL D 37 -9.33 -10.71 17.85
C VAL D 37 -8.18 -11.62 17.44
N VAL D 38 -7.34 -11.10 16.54
CA VAL D 38 -6.11 -11.75 16.14
C VAL D 38 -4.95 -10.84 16.48
N ILE D 39 -3.92 -11.40 17.10
CA ILE D 39 -2.73 -10.67 17.49
C ILE D 39 -1.57 -11.16 16.62
N MET D 40 -0.92 -10.23 15.95
CA MET D 40 0.24 -10.52 15.11
C MET D 40 1.34 -9.52 15.44
N SER D 41 2.56 -9.86 15.05
CA SER D 41 3.69 -8.96 15.26
C SER D 41 3.54 -7.74 14.36
N GLU D 42 3.99 -6.58 14.87
CA GLU D 42 3.91 -5.36 14.08
C GLU D 42 4.72 -5.48 12.80
N SER D 43 5.88 -6.13 12.89
CA SER D 43 6.75 -6.29 11.72
C SER D 43 6.07 -7.16 10.67
N ASP D 44 5.34 -8.19 11.10
CA ASP D 44 4.57 -8.99 10.15
C ASP D 44 3.45 -8.17 9.53
N TYR D 45 2.73 -7.39 10.34
CA TYR D 45 1.68 -6.54 9.79
C TYR D 45 2.23 -5.62 8.71
N ASN D 46 3.38 -4.99 8.99
CA ASN D 46 3.95 -4.06 8.02
C ASN D 46 4.41 -4.77 6.76
N SER D 47 5.04 -5.94 6.92
CA SER D 47 5.45 -6.73 5.77
C SER D 47 4.25 -7.08 4.89
N MET D 48 3.17 -7.58 5.51
CA MET D 48 2.01 -7.99 4.74
C MET D 48 1.34 -6.82 4.04
N MET D 49 1.30 -5.66 4.70
CA MET D 49 0.76 -4.46 4.06
C MET D 49 1.53 -4.11 2.79
N GLU D 50 2.85 -4.29 2.82
CA GLU D 50 3.67 -3.95 1.67
C GLU D 50 3.38 -4.85 0.49
N THR D 51 3.32 -6.17 0.72
CA THR D 51 3.05 -7.07 -0.39
C THR D 51 1.62 -6.98 -0.91
N LEU D 52 0.72 -6.31 -0.16
CA LEU D 52 -0.64 -6.09 -0.66
C LEU D 52 -0.67 -5.13 -1.85
N TYR D 53 0.32 -4.25 -1.95
CA TYR D 53 0.36 -3.27 -3.02
C TYR D 53 0.94 -3.91 -4.29
N LEU D 54 0.30 -3.62 -5.42
CA LEU D 54 0.70 -4.19 -6.70
C LEU D 54 1.96 -3.47 -7.19
N GLN D 55 3.10 -4.13 -7.06
CA GLN D 55 4.35 -3.56 -7.55
C GLN D 55 4.79 -4.24 -8.84
N ALA E 2 29.78 -18.30 19.10
CA ALA E 2 29.47 -16.97 18.58
C ALA E 2 29.71 -16.87 17.08
N ARG E 3 30.74 -17.57 16.59
CA ARG E 3 31.02 -17.64 15.16
C ARG E 3 30.71 -19.06 14.70
N LEU E 4 29.69 -19.21 13.87
CA LEU E 4 29.20 -20.51 13.44
C LEU E 4 29.64 -20.81 12.02
N ASN E 5 29.86 -22.09 11.76
CA ASN E 5 30.20 -22.61 10.43
C ASN E 5 28.93 -23.23 9.83
N ILE E 6 28.44 -22.63 8.74
CA ILE E 6 27.13 -22.98 8.18
C ILE E 6 27.31 -23.40 6.73
N THR E 7 26.66 -24.50 6.34
CA THR E 7 26.62 -24.91 4.94
C THR E 7 25.36 -24.35 4.29
N PHE E 8 25.53 -23.72 3.13
CA PHE E 8 24.42 -23.23 2.33
C PHE E 8 24.36 -24.00 1.02
N SER E 9 23.14 -24.22 0.55
CA SER E 9 22.96 -24.60 -0.84
C SER E 9 23.33 -23.40 -1.72
N PRO E 10 23.68 -23.63 -2.99
CA PRO E 10 24.01 -22.48 -3.86
C PRO E 10 22.90 -21.44 -3.90
N GLN E 11 21.64 -21.87 -4.02
CA GLN E 11 20.54 -20.92 -4.16
C GLN E 11 20.25 -20.20 -2.85
N ALA E 12 20.39 -20.89 -1.72
CA ALA E 12 20.21 -20.23 -0.44
C ALA E 12 21.33 -19.24 -0.16
N PHE E 13 22.54 -19.53 -0.67
CA PHE E 13 23.66 -18.60 -0.51
C PHE E 13 23.39 -17.29 -1.22
N GLU E 14 22.90 -17.36 -2.47
CA GLU E 14 22.57 -16.14 -3.20
C GLU E 14 21.51 -15.32 -2.49
N ASP E 15 20.48 -15.99 -1.95
CA ASP E 15 19.39 -15.27 -1.28
C ASP E 15 19.89 -14.61 0.00
N TYR E 16 20.73 -15.30 0.77
CA TYR E 16 21.36 -14.69 1.93
C TYR E 16 22.21 -13.49 1.52
N LYS E 17 22.92 -13.60 0.40
CA LYS E 17 23.71 -12.47 -0.09
C LYS E 17 22.80 -11.30 -0.45
N TYR E 18 21.68 -11.58 -1.14
CA TYR E 18 20.68 -10.57 -1.42
C TYR E 18 20.28 -9.82 -0.16
N PHE E 19 19.85 -10.57 0.86
CA PHE E 19 19.44 -9.97 2.12
C PHE E 19 20.57 -9.15 2.74
N GLN E 20 21.80 -9.65 2.68
CA GLN E 20 22.93 -8.91 3.22
C GLN E 20 23.07 -7.55 2.58
N GLN E 21 22.65 -7.42 1.32
CA GLN E 21 22.74 -6.14 0.62
C GLN E 21 21.52 -5.26 0.86
N ASN E 22 20.32 -5.85 0.78
CA ASN E 22 19.10 -5.07 0.66
C ASN E 22 18.15 -5.18 1.84
N ASP E 23 18.44 -6.04 2.82
CA ASP E 23 17.47 -6.28 3.89
C ASP E 23 18.17 -6.79 5.15
N LYS E 24 18.89 -5.91 5.85
CA LYS E 24 19.66 -6.32 7.02
C LYS E 24 18.77 -6.96 8.09
N LYS E 25 17.49 -6.58 8.14
CA LYS E 25 16.60 -7.15 9.16
C LYS E 25 16.40 -8.64 8.97
N MET E 26 16.30 -9.09 7.70
CA MET E 26 16.18 -10.52 7.43
C MET E 26 17.43 -11.27 7.88
N VAL E 27 18.61 -10.72 7.59
CA VAL E 27 19.87 -11.36 7.99
C VAL E 27 19.94 -11.50 9.50
N LYS E 28 19.58 -10.44 10.23
CA LYS E 28 19.57 -10.49 11.68
C LYS E 28 18.64 -11.58 12.19
N LYS E 29 17.44 -11.67 11.61
CA LYS E 29 16.48 -12.69 12.01
C LYS E 29 17.00 -14.09 11.71
N ILE E 30 17.53 -14.29 10.50
CA ILE E 30 18.09 -15.59 10.12
C ILE E 30 19.20 -15.98 11.08
N ASN E 31 20.01 -15.01 11.51
CA ASN E 31 21.12 -15.32 12.41
C ASN E 31 20.62 -15.70 13.80
N GLU E 32 19.55 -15.06 14.25
CA GLU E 32 18.96 -15.45 15.53
C GLU E 32 18.38 -16.86 15.48
N LEU E 33 17.76 -17.22 14.35
CA LEU E 33 17.25 -18.58 14.17
C LEU E 33 18.40 -19.59 14.18
N LEU E 34 19.50 -19.26 13.49
CA LEU E 34 20.67 -20.13 13.48
C LEU E 34 21.22 -20.32 14.88
N LYS E 35 21.31 -19.25 15.66
CA LYS E 35 21.77 -19.37 17.04
C LYS E 35 20.87 -20.30 17.84
N SER E 36 19.55 -20.17 17.66
CA SER E 36 18.61 -21.02 18.37
C SER E 36 18.79 -22.48 17.96
N ILE E 37 18.93 -22.74 16.66
CA ILE E 37 19.15 -24.10 16.17
C ILE E 37 20.42 -24.68 16.77
N ASP E 38 21.49 -23.89 16.79
CA ASP E 38 22.76 -24.37 17.34
C ASP E 38 22.65 -24.64 18.84
N ARG E 39 21.89 -23.83 19.56
CA ARG E 39 21.83 -23.97 21.00
C ARG E 39 20.87 -25.08 21.42
N ASN E 40 19.73 -25.20 20.76
CA ASN E 40 18.65 -26.06 21.22
C ASN E 40 18.36 -27.25 20.32
N GLY E 41 18.97 -27.33 19.14
CA GLY E 41 18.68 -28.42 18.23
C GLY E 41 17.63 -28.06 17.21
N ALA E 42 17.31 -29.03 16.36
CA ALA E 42 16.48 -28.78 15.19
C ALA E 42 15.07 -28.38 15.56
N LEU E 43 14.53 -28.98 16.62
CA LEU E 43 13.09 -28.90 16.90
C LEU E 43 12.73 -27.99 18.05
N GLU E 44 13.68 -27.29 18.67
CA GLU E 44 13.39 -26.47 19.84
C GLU E 44 13.82 -25.03 19.61
N GLY E 45 13.04 -24.09 20.13
CA GLY E 45 13.41 -22.68 20.06
C GLY E 45 12.44 -21.81 19.30
N ILE E 46 12.88 -20.57 19.03
CA ILE E 46 12.04 -19.61 18.33
C ILE E 46 11.84 -20.02 16.88
N GLY E 47 10.82 -19.44 16.26
CA GLY E 47 10.58 -19.60 14.84
C GLY E 47 9.55 -20.64 14.46
N LYS E 48 8.89 -21.29 15.42
CA LYS E 48 7.89 -22.32 15.18
C LYS E 48 8.50 -23.45 14.35
N PRO E 49 9.42 -24.23 14.92
CA PRO E 49 10.06 -25.30 14.13
C PRO E 49 9.04 -26.36 13.73
N GLU E 50 9.03 -26.70 12.45
CA GLU E 50 8.22 -27.80 11.95
C GLU E 50 9.12 -28.82 11.26
N LYS E 51 8.73 -30.09 11.38
CA LYS E 51 9.41 -31.20 10.73
C LYS E 51 8.76 -31.45 9.38
N LEU E 52 9.53 -31.33 8.31
CA LEU E 52 8.96 -31.33 6.97
C LEU E 52 8.69 -32.76 6.49
N LYS E 53 7.75 -32.87 5.56
CA LYS E 53 7.26 -34.15 5.07
C LYS E 53 7.58 -34.30 3.58
N SER E 54 7.17 -35.44 3.02
CA SER E 54 7.30 -35.76 1.59
C SER E 54 8.79 -35.76 1.23
N ASN E 55 9.16 -35.25 0.05
CA ASN E 55 10.55 -35.27 -0.37
C ASN E 55 11.41 -34.29 0.41
N LEU E 56 10.83 -33.46 1.27
CA LEU E 56 11.58 -32.62 2.17
C LEU E 56 11.89 -33.30 3.50
N THR E 57 11.50 -34.56 3.65
CA THR E 57 11.73 -35.30 4.88
C THR E 57 13.23 -35.34 5.21
N GLY E 58 13.54 -35.16 6.49
CA GLY E 58 14.89 -34.95 6.94
C GLY E 58 15.23 -33.50 7.18
N TYR E 59 14.42 -32.59 6.67
CA TYR E 59 14.65 -31.16 6.82
C TYR E 59 13.58 -30.53 7.69
N TYR E 60 13.90 -29.34 8.19
CA TYR E 60 13.03 -28.62 9.09
C TYR E 60 12.88 -27.19 8.58
N SER E 61 11.86 -26.51 9.07
CA SER E 61 11.62 -25.12 8.70
C SER E 61 11.33 -24.31 9.94
N ARG E 62 11.87 -23.10 9.97
CA ARG E 62 11.49 -22.08 10.93
C ARG E 62 11.07 -20.84 10.16
N ARG E 63 10.24 -20.02 10.81
CA ARG E 63 9.74 -18.81 10.18
C ARG E 63 10.75 -17.68 10.31
N ILE E 64 11.19 -17.14 9.18
CA ILE E 64 11.92 -15.88 9.18
C ILE E 64 10.97 -14.72 9.37
N ASN E 65 9.91 -14.66 8.57
CA ASN E 65 8.76 -13.81 8.83
C ASN E 65 7.52 -14.54 8.32
N HIS E 66 6.43 -13.79 8.12
CA HIS E 66 5.18 -14.40 7.67
C HIS E 66 5.34 -15.13 6.35
N GLU E 67 6.22 -14.62 5.48
CA GLU E 67 6.38 -15.13 4.12
C GLU E 67 7.53 -16.12 3.97
N HIS E 68 8.68 -15.86 4.57
CA HIS E 68 9.90 -16.60 4.27
C HIS E 68 10.18 -17.64 5.33
N ARG E 69 10.76 -18.75 4.89
CA ARG E 69 11.10 -19.88 5.74
C ARG E 69 12.60 -20.16 5.65
N LEU E 70 13.19 -20.50 6.80
CA LEU E 70 14.54 -21.06 6.85
C LEU E 70 14.41 -22.58 6.83
N VAL E 71 14.71 -23.19 5.69
CA VAL E 71 14.64 -24.64 5.53
C VAL E 71 16.03 -25.20 5.72
N TYR E 72 16.20 -26.07 6.71
CA TYR E 72 17.51 -26.47 7.17
C TYR E 72 17.48 -27.92 7.65
N THR E 73 18.68 -28.46 7.87
CA THR E 73 18.86 -29.73 8.54
C THR E 73 20.11 -29.63 9.39
N VAL E 74 20.30 -30.60 10.28
CA VAL E 74 21.43 -30.61 11.20
C VAL E 74 22.14 -31.96 11.07
N ASP E 75 23.41 -31.92 10.68
CA ASP E 75 24.22 -33.12 10.49
C ASP E 75 25.28 -33.13 11.60
N ASP E 76 24.96 -33.82 12.69
CA ASP E 76 25.87 -33.97 13.84
C ASP E 76 26.36 -32.60 14.31
N ASN E 77 25.39 -31.75 14.64
CA ASN E 77 25.57 -30.38 15.12
C ASN E 77 26.04 -29.40 14.05
N HIS E 78 26.13 -29.81 12.79
CA HIS E 78 26.47 -28.90 11.70
C HIS E 78 25.21 -28.55 10.92
N ILE E 79 24.93 -27.26 10.81
CA ILE E 79 23.70 -26.77 10.19
C ILE E 79 23.92 -26.62 8.69
N LYS E 80 22.95 -27.08 7.90
CA LYS E 80 22.92 -26.85 6.46
C LYS E 80 21.65 -26.11 6.11
N ILE E 81 21.76 -25.09 5.26
CA ILE E 81 20.61 -24.30 4.85
C ILE E 81 20.25 -24.68 3.42
N ALA E 82 19.04 -25.20 3.23
CA ALA E 82 18.54 -25.44 1.89
C ALA E 82 17.88 -24.20 1.31
N SER E 83 17.26 -23.37 2.16
CA SER E 83 16.52 -22.22 1.70
C SER E 83 16.40 -21.21 2.84
N CYS E 84 16.38 -19.92 2.46
CA CYS E 84 16.13 -18.86 3.43
C CYS E 84 15.27 -17.76 2.82
N LYS E 85 14.51 -18.07 1.78
CA LYS E 85 13.74 -17.09 1.02
C LYS E 85 12.78 -17.79 0.06
N TYR E 86 11.51 -17.38 0.04
CA TYR E 86 10.53 -18.06 -0.78
C TYR E 86 10.73 -17.70 -2.25
N HIS E 87 10.71 -18.72 -3.11
CA HIS E 87 10.94 -18.57 -4.54
C HIS E 87 9.61 -18.62 -5.27
N TYR E 88 9.33 -17.60 -6.08
CA TYR E 88 8.12 -17.59 -6.89
C TYR E 88 8.44 -17.90 -8.37
N ALA F 2 -31.48 -21.74 -13.23
CA ALA F 2 -31.01 -22.88 -14.01
C ALA F 2 -30.17 -22.43 -15.19
N ARG F 3 -30.11 -21.12 -15.44
CA ARG F 3 -29.26 -20.61 -16.52
C ARG F 3 -28.88 -19.17 -16.22
N LEU F 4 -27.59 -18.86 -16.40
CA LEU F 4 -27.04 -17.54 -16.07
C LEU F 4 -26.20 -17.02 -17.22
N ASN F 5 -26.25 -15.71 -17.43
CA ASN F 5 -25.36 -15.01 -18.36
C ASN F 5 -24.13 -14.55 -17.59
N ILE F 6 -22.95 -14.96 -18.03
CA ILE F 6 -21.72 -14.77 -17.27
C ILE F 6 -20.66 -14.18 -18.18
N THR F 7 -19.97 -13.14 -17.70
CA THR F 7 -18.87 -12.53 -18.43
C THR F 7 -17.54 -12.99 -17.83
N PHE F 8 -16.64 -13.46 -18.70
CA PHE F 8 -15.32 -13.92 -18.29
C PHE F 8 -14.25 -12.95 -18.76
N SER F 9 -13.19 -12.83 -17.97
CA SER F 9 -11.94 -12.32 -18.50
C SER F 9 -11.34 -13.38 -19.40
N PRO F 10 -10.45 -12.98 -20.33
CA PRO F 10 -9.82 -13.98 -21.21
C PRO F 10 -9.20 -15.13 -20.45
N GLN F 11 -8.34 -14.79 -19.47
CA GLN F 11 -7.61 -15.82 -18.73
C GLN F 11 -8.55 -16.68 -17.91
N ALA F 12 -9.57 -16.08 -17.32
CA ALA F 12 -10.52 -16.87 -16.53
C ALA F 12 -11.31 -17.84 -17.39
N PHE F 13 -11.58 -17.48 -18.65
CA PHE F 13 -12.31 -18.38 -19.53
C PHE F 13 -11.42 -19.55 -19.97
N GLU F 14 -10.15 -19.29 -20.27
CA GLU F 14 -9.19 -20.36 -20.52
C GLU F 14 -9.21 -21.38 -19.39
N ASP F 15 -9.18 -20.89 -18.15
CA ASP F 15 -9.12 -21.79 -17.00
C ASP F 15 -10.45 -22.48 -16.73
N TYR F 16 -11.57 -21.84 -17.09
CA TYR F 16 -12.85 -22.53 -16.99
C TYR F 16 -12.92 -23.68 -17.98
N LYS F 17 -12.50 -23.44 -19.22
CA LYS F 17 -12.49 -24.49 -20.23
C LYS F 17 -11.51 -25.59 -19.87
N TYR F 18 -10.34 -25.23 -19.32
CA TYR F 18 -9.41 -26.23 -18.84
C TYR F 18 -10.05 -27.12 -17.78
N PHE F 19 -10.82 -26.53 -16.88
CA PHE F 19 -11.50 -27.33 -15.86
C PHE F 19 -12.58 -28.20 -16.47
N GLN F 20 -13.27 -27.71 -17.51
CA GLN F 20 -14.24 -28.56 -18.20
C GLN F 20 -13.57 -29.80 -18.78
N GLN F 21 -12.36 -29.65 -19.29
CA GLN F 21 -11.71 -30.76 -19.98
C GLN F 21 -10.97 -31.70 -19.02
N ASN F 22 -10.47 -31.18 -17.90
CA ASN F 22 -9.60 -31.95 -17.02
C ASN F 22 -10.12 -32.12 -15.61
N ASP F 23 -11.18 -31.41 -15.20
CA ASP F 23 -11.61 -31.49 -13.80
C ASP F 23 -13.07 -31.08 -13.65
N LYS F 24 -13.99 -32.02 -13.91
CA LYS F 24 -15.41 -31.70 -13.88
C LYS F 24 -15.88 -31.31 -12.48
N LYS F 25 -15.20 -31.80 -11.44
CA LYS F 25 -15.57 -31.46 -10.07
C LYS F 25 -15.43 -29.96 -9.83
N MET F 26 -14.41 -29.34 -10.43
CA MET F 26 -14.21 -27.90 -10.25
C MET F 26 -15.32 -27.11 -10.91
N VAL F 27 -15.70 -27.48 -12.14
CA VAL F 27 -16.75 -26.76 -12.85
C VAL F 27 -18.08 -26.85 -12.10
N LYS F 28 -18.33 -27.98 -11.45
CA LYS F 28 -19.55 -28.12 -10.66
C LYS F 28 -19.57 -27.17 -9.47
N LYS F 29 -18.45 -27.09 -8.75
CA LYS F 29 -18.39 -26.17 -7.60
C LYS F 29 -18.44 -24.72 -8.06
N ILE F 30 -17.73 -24.38 -9.14
CA ILE F 30 -17.79 -23.03 -9.67
C ILE F 30 -19.22 -22.64 -10.00
N ASN F 31 -19.93 -23.50 -10.74
CA ASN F 31 -21.31 -23.21 -11.08
C ASN F 31 -22.18 -23.10 -9.84
N GLU F 32 -21.88 -23.89 -8.80
CA GLU F 32 -22.60 -23.77 -7.55
C GLU F 32 -22.36 -22.41 -6.90
N LEU F 33 -21.13 -21.90 -6.99
CA LEU F 33 -20.83 -20.58 -6.45
C LEU F 33 -21.54 -19.49 -7.25
N LEU F 34 -21.50 -19.60 -8.58
CA LEU F 34 -22.21 -18.64 -9.42
C LEU F 34 -23.69 -18.61 -9.10
N LYS F 35 -24.29 -19.78 -8.82
CA LYS F 35 -25.69 -19.81 -8.45
C LYS F 35 -25.94 -19.07 -7.14
N SER F 36 -25.03 -19.24 -6.16
CA SER F 36 -25.20 -18.60 -4.87
C SER F 36 -25.00 -17.09 -4.96
N ILE F 37 -24.11 -16.62 -5.84
CA ILE F 37 -23.92 -15.20 -6.04
C ILE F 37 -25.17 -14.57 -6.65
N ASP F 38 -25.76 -15.24 -7.65
CA ASP F 38 -26.96 -14.73 -8.30
C ASP F 38 -28.14 -14.75 -7.35
N ARG F 39 -28.21 -15.73 -6.45
CA ARG F 39 -29.37 -15.87 -5.58
C ARG F 39 -29.27 -14.97 -4.34
N ASN F 40 -28.07 -14.84 -3.77
CA ASN F 40 -27.90 -14.18 -2.49
C ASN F 40 -27.11 -12.89 -2.55
N GLY F 41 -26.48 -12.57 -3.67
CA GLY F 41 -25.66 -11.39 -3.76
C GLY F 41 -24.19 -11.68 -3.47
N ALA F 42 -23.36 -10.68 -3.76
CA ALA F 42 -21.92 -10.87 -3.82
C ALA F 42 -21.31 -11.35 -2.51
N LEU F 43 -21.96 -11.10 -1.37
CA LEU F 43 -21.31 -11.31 -0.07
C LEU F 43 -21.98 -12.34 0.82
N GLU F 44 -23.04 -13.01 0.37
CA GLU F 44 -23.75 -13.97 1.21
C GLU F 44 -23.81 -15.33 0.53
N GLY F 45 -23.74 -16.38 1.34
CA GLY F 45 -23.82 -17.72 0.79
C GLY F 45 -22.56 -18.56 0.99
N ILE F 46 -22.39 -19.57 0.14
CA ILE F 46 -21.34 -20.57 0.32
C ILE F 46 -20.02 -20.06 -0.24
N GLY F 47 -18.93 -20.60 0.28
CA GLY F 47 -17.60 -20.31 -0.22
C GLY F 47 -16.80 -19.28 0.54
N LYS F 48 -17.16 -18.97 1.78
CA LYS F 48 -16.48 -17.94 2.57
C LYS F 48 -16.28 -16.68 1.75
N PRO F 49 -17.35 -16.04 1.30
CA PRO F 49 -17.19 -14.83 0.46
C PRO F 49 -16.47 -13.73 1.23
N GLU F 50 -15.51 -13.09 0.57
CA GLU F 50 -14.74 -12.01 1.18
C GLU F 50 -14.67 -10.83 0.22
N LYS F 51 -14.67 -9.63 0.79
CA LYS F 51 -14.54 -8.39 0.04
C LYS F 51 -13.05 -8.08 -0.12
N LEU F 52 -12.59 -7.99 -1.36
CA LEU F 52 -11.16 -7.84 -1.63
C LEU F 52 -10.73 -6.38 -1.48
N LYS F 53 -9.45 -6.19 -1.22
CA LYS F 53 -8.88 -4.88 -0.95
C LYS F 53 -7.83 -4.50 -1.99
N SER F 54 -7.13 -3.40 -1.74
CA SER F 54 -6.01 -2.90 -2.56
C SER F 54 -6.54 -2.67 -3.98
N ASN F 55 -5.76 -2.99 -5.02
CA ASN F 55 -6.23 -2.79 -6.38
C ASN F 55 -7.31 -3.77 -6.79
N LEU F 56 -7.71 -4.68 -5.91
CA LEU F 56 -8.82 -5.59 -6.15
C LEU F 56 -10.11 -5.09 -5.51
N THR F 57 -10.09 -3.89 -4.93
CA THR F 57 -11.30 -3.29 -4.37
C THR F 57 -12.38 -3.19 -5.44
N GLY F 58 -13.60 -3.59 -5.07
CA GLY F 58 -14.69 -3.74 -5.99
C GLY F 58 -14.97 -5.17 -6.39
N TYR F 59 -14.03 -6.08 -6.12
CA TYR F 59 -14.19 -7.48 -6.46
C TYR F 59 -14.28 -8.31 -5.18
N TYR F 60 -14.77 -9.53 -5.35
CA TYR F 60 -14.98 -10.44 -4.24
C TYR F 60 -14.37 -11.79 -4.58
N SER F 61 -14.16 -12.60 -3.55
CA SER F 61 -13.58 -13.93 -3.72
C SER F 61 -14.40 -14.94 -2.92
N ARG F 62 -14.61 -16.11 -3.55
CA ARG F 62 -15.15 -17.27 -2.88
C ARG F 62 -14.24 -18.45 -3.14
N ARG F 63 -14.21 -19.38 -2.19
CA ARG F 63 -13.31 -20.53 -2.28
C ARG F 63 -13.92 -21.59 -3.18
N ILE F 64 -13.21 -21.92 -4.27
CA ILE F 64 -13.58 -23.09 -5.04
C ILE F 64 -13.14 -24.35 -4.32
N ASN F 65 -11.87 -24.39 -3.89
CA ASN F 65 -11.40 -25.36 -2.92
C ASN F 65 -10.34 -24.66 -2.05
N HIS F 66 -9.52 -25.44 -1.35
CA HIS F 66 -8.52 -24.86 -0.46
C HIS F 66 -7.55 -23.96 -1.21
N GLU F 67 -7.29 -24.26 -2.49
CA GLU F 67 -6.28 -23.56 -3.26
C GLU F 67 -6.83 -22.48 -4.18
N HIS F 68 -7.96 -22.74 -4.84
CA HIS F 68 -8.41 -21.89 -5.93
C HIS F 68 -9.55 -20.98 -5.48
N ARG F 69 -9.55 -19.77 -6.03
CA ARG F 69 -10.55 -18.75 -5.72
C ARG F 69 -11.32 -18.35 -6.96
N LEU F 70 -12.62 -18.14 -6.79
CA LEU F 70 -13.45 -17.47 -7.79
C LEU F 70 -13.44 -15.98 -7.44
N VAL F 71 -12.80 -15.19 -8.30
CA VAL F 71 -12.70 -13.75 -8.11
C VAL F 71 -13.67 -13.08 -9.08
N TYR F 72 -14.61 -12.33 -8.53
CA TYR F 72 -15.76 -11.88 -9.30
C TYR F 72 -16.24 -10.54 -8.78
N THR F 73 -16.99 -9.84 -9.61
CA THR F 73 -17.76 -8.67 -9.20
C THR F 73 -19.15 -8.79 -9.79
N VAL F 74 -20.06 -7.93 -9.30
CA VAL F 74 -21.43 -7.86 -9.79
C VAL F 74 -21.67 -6.44 -10.27
N ASP F 75 -21.88 -6.28 -11.58
CA ASP F 75 -22.08 -4.97 -12.18
C ASP F 75 -23.49 -4.97 -12.76
N ASP F 76 -24.40 -4.28 -12.06
CA ASP F 76 -25.81 -4.21 -12.45
C ASP F 76 -26.43 -5.61 -12.54
N ASN F 77 -26.21 -6.40 -11.49
CA ASN F 77 -26.68 -7.77 -11.33
C ASN F 77 -26.11 -8.73 -12.37
N HIS F 78 -25.10 -8.31 -13.12
CA HIS F 78 -24.41 -9.17 -14.08
C HIS F 78 -23.09 -9.59 -13.47
N ILE F 79 -22.89 -10.90 -13.37
CA ILE F 79 -21.69 -11.44 -12.74
C ILE F 79 -20.54 -11.41 -13.73
N LYS F 80 -19.42 -10.83 -13.31
CA LYS F 80 -18.18 -10.82 -14.08
C LYS F 80 -17.13 -11.59 -13.31
N ILE F 81 -16.41 -12.48 -14.01
CA ILE F 81 -15.42 -13.35 -13.38
C ILE F 81 -14.03 -12.92 -13.82
N ALA F 82 -13.19 -12.54 -12.86
CA ALA F 82 -11.82 -12.20 -13.18
C ALA F 82 -10.93 -13.44 -13.17
N SER F 83 -11.22 -14.39 -12.29
CA SER F 83 -10.35 -15.55 -12.12
C SER F 83 -11.16 -16.69 -11.53
N CYS F 84 -10.74 -17.91 -11.87
CA CYS F 84 -11.28 -19.12 -11.26
C CYS F 84 -10.21 -20.18 -11.05
N LYS F 85 -8.93 -19.79 -11.12
CA LYS F 85 -7.82 -20.73 -10.96
C LYS F 85 -6.59 -19.94 -10.57
N TYR F 86 -5.87 -20.42 -9.56
CA TYR F 86 -4.67 -19.73 -9.10
C TYR F 86 -3.58 -19.82 -10.15
N HIS F 87 -2.89 -18.70 -10.37
CA HIS F 87 -1.82 -18.61 -11.35
C HIS F 87 -0.49 -18.53 -10.61
N TYR F 88 0.41 -19.46 -10.91
CA TYR F 88 1.72 -19.48 -10.28
C TYR F 88 2.79 -18.89 -11.21
N MET I 1 12.65 -4.01 -7.74
CA MET I 1 13.34 -2.78 -8.14
C MET I 1 14.83 -3.02 -8.31
N ILE I 2 15.40 -2.41 -9.35
CA ILE I 2 16.83 -2.54 -9.60
C ILE I 2 17.60 -1.74 -8.56
N ILE I 3 18.72 -2.29 -8.11
CA ILE I 3 19.55 -1.66 -7.10
C ILE I 3 20.97 -1.52 -7.65
N LYS I 4 21.50 -0.30 -7.59
CA LYS I 4 22.82 0.02 -8.08
C LYS I 4 23.50 0.93 -7.07
N ASN I 5 24.82 1.01 -7.13
CA ASN I 5 25.53 1.94 -6.25
C ASN I 5 25.84 3.24 -6.98
N TYR I 6 26.22 4.25 -6.20
CA TYR I 6 26.45 5.59 -6.74
C TYR I 6 27.42 5.58 -7.91
N SER I 7 28.57 4.92 -7.74
CA SER I 7 29.59 4.89 -8.79
C SER I 7 29.03 4.32 -10.08
N TYR I 8 28.25 3.24 -9.98
CA TYR I 8 27.65 2.67 -11.19
C TYR I 8 26.70 3.66 -11.85
N ALA I 9 25.87 4.34 -11.06
CA ALA I 9 24.89 5.27 -11.61
C ALA I 9 25.57 6.47 -12.26
N ARG I 10 26.61 7.01 -11.61
CA ARG I 10 27.37 8.11 -12.21
C ARG I 10 27.93 7.68 -13.56
N GLN I 11 28.52 6.49 -13.63
CA GLN I 11 29.19 6.02 -14.84
C GLN I 11 28.21 5.54 -15.91
N ASN I 12 26.96 5.26 -15.54
CA ASN I 12 26.00 4.70 -16.49
C ASN I 12 24.65 5.43 -16.42
N LEU I 13 24.67 6.74 -16.22
CA LEU I 13 23.44 7.48 -15.97
C LEU I 13 22.46 7.36 -17.12
N LYS I 14 22.94 7.56 -18.36
CA LYS I 14 22.04 7.55 -19.51
C LYS I 14 21.35 6.21 -19.66
N ALA I 15 22.05 5.12 -19.38
CA ALA I 15 21.44 3.80 -19.48
C ALA I 15 20.37 3.61 -18.43
N LEU I 16 20.60 4.11 -17.20
CA LEU I 16 19.58 4.06 -16.16
C LEU I 16 18.35 4.86 -16.55
N MET I 17 18.55 6.09 -17.05
CA MET I 17 17.44 6.90 -17.52
C MET I 17 16.68 6.19 -18.63
N THR I 18 17.40 5.50 -19.52
CA THR I 18 16.74 4.75 -20.58
C THR I 18 15.93 3.60 -20.03
N LYS I 19 16.48 2.88 -19.04
CA LYS I 19 15.82 1.66 -18.57
C LYS I 19 14.54 1.96 -17.80
N VAL I 20 14.54 2.99 -16.94
CA VAL I 20 13.32 3.31 -16.21
C VAL I 20 12.26 3.89 -17.14
N ASN I 21 12.63 4.42 -18.30
CA ASN I 21 11.64 4.93 -19.24
C ASN I 21 11.13 3.84 -20.18
N ASP I 22 12.04 3.04 -20.74
CA ASP I 22 11.64 2.03 -21.71
C ASP I 22 10.91 0.86 -21.06
N ASP I 23 11.45 0.34 -19.96
CA ASP I 23 10.67 -0.54 -19.11
C ASP I 23 9.83 0.35 -18.20
N SER I 24 9.32 -0.18 -17.10
CA SER I 24 8.65 0.70 -16.14
C SER I 24 9.07 0.38 -14.72
N ASP I 25 10.31 -0.06 -14.53
CA ASP I 25 10.83 -0.29 -13.19
C ASP I 25 11.54 0.97 -12.70
N MET I 26 12.04 0.91 -11.48
CA MET I 26 12.77 2.01 -10.88
C MET I 26 14.16 1.54 -10.47
N VAL I 27 15.01 2.47 -10.10
CA VAL I 27 16.35 2.17 -9.64
C VAL I 27 16.55 2.84 -8.29
N THR I 28 17.00 2.08 -7.30
CA THR I 28 17.53 2.64 -6.07
C THR I 28 19.04 2.75 -6.21
N VAL I 29 19.58 3.92 -5.90
CA VAL I 29 21.02 4.17 -5.99
C VAL I 29 21.53 4.33 -4.58
N THR I 30 22.46 3.45 -4.17
CA THR I 30 22.92 3.45 -2.80
C THR I 30 24.10 4.42 -2.63
N SER I 31 24.40 4.71 -1.37
CA SER I 31 25.46 5.63 -0.99
C SER I 31 26.06 5.13 0.32
N THR I 32 27.34 5.41 0.52
CA THR I 32 28.00 4.91 1.73
C THR I 32 27.63 5.70 2.98
N ASP I 33 26.90 6.81 2.84
CA ASP I 33 26.35 7.52 3.99
C ASP I 33 24.83 7.45 4.01
N ASP I 34 24.28 6.37 3.45
CA ASP I 34 22.89 5.99 3.59
C ASP I 34 21.93 6.95 2.89
N LYS I 35 22.46 8.04 2.31
CA LYS I 35 21.60 9.01 1.65
C LYS I 35 21.30 8.52 0.23
N ASN I 36 20.44 7.50 0.17
CA ASN I 36 20.10 6.86 -1.09
C ASN I 36 19.00 7.63 -1.80
N VAL I 37 18.81 7.30 -3.07
CA VAL I 37 17.78 7.90 -3.90
C VAL I 37 17.10 6.80 -4.71
N VAL I 38 15.87 7.06 -5.15
CA VAL I 38 15.25 6.21 -6.15
C VAL I 38 14.97 7.06 -7.39
N ILE I 39 15.15 6.44 -8.55
CA ILE I 39 15.01 7.10 -9.84
C ILE I 39 13.86 6.43 -10.59
N MET I 40 12.91 7.25 -11.04
CA MET I 40 11.82 6.76 -11.86
C MET I 40 11.66 7.68 -13.06
N SER I 41 10.96 7.18 -14.09
CA SER I 41 10.63 8.00 -15.24
C SER I 41 9.73 9.16 -14.81
N GLU I 42 9.77 10.25 -15.58
CA GLU I 42 8.93 11.39 -15.26
C GLU I 42 7.46 10.99 -15.30
N SER I 43 7.06 10.22 -16.30
CA SER I 43 5.66 9.81 -16.44
C SER I 43 5.22 8.93 -15.28
N ASP I 44 6.09 8.02 -14.83
CA ASP I 44 5.75 7.23 -13.65
C ASP I 44 5.66 8.10 -12.40
N TYR I 45 6.48 9.15 -12.33
CA TYR I 45 6.39 10.09 -11.21
C TYR I 45 5.05 10.81 -11.21
N ASN I 46 4.66 11.33 -12.39
CA ASN I 46 3.37 12.02 -12.50
C ASN I 46 2.21 11.13 -12.11
N SER I 47 2.23 9.87 -12.55
CA SER I 47 1.16 8.93 -12.20
C SER I 47 1.13 8.66 -10.70
N MET I 48 2.30 8.44 -10.10
CA MET I 48 2.36 8.17 -8.67
C MET I 48 1.88 9.37 -7.87
N MET I 49 2.32 10.57 -8.25
CA MET I 49 1.94 11.78 -7.52
C MET I 49 0.44 12.04 -7.56
N GLU I 50 -0.22 11.66 -8.66
CA GLU I 50 -1.64 11.95 -8.81
C GLU I 50 -2.49 11.06 -7.89
N THR I 51 -2.13 9.78 -7.78
CA THR I 51 -2.79 8.92 -6.81
C THR I 51 -2.47 9.35 -5.38
N LEU I 52 -1.21 9.72 -5.13
CA LEU I 52 -0.83 10.21 -3.81
C LEU I 52 -1.59 11.48 -3.45
N TYR I 53 -1.72 12.41 -4.40
CA TYR I 53 -2.44 13.65 -4.13
C TYR I 53 -3.86 13.37 -3.65
N LEU I 54 -4.49 12.33 -4.19
CA LEU I 54 -5.86 12.02 -3.83
C LEU I 54 -5.93 11.22 -2.53
N GLN I 55 -4.95 10.34 -2.29
CA GLN I 55 -4.94 9.54 -1.08
C GLN I 55 -4.31 10.26 0.12
N GLN I 56 -3.53 11.31 -0.11
CA GLN I 56 -2.74 11.92 0.95
C GLN I 56 -3.62 12.46 2.07
N ASN I 57 -4.77 13.01 1.73
CA ASN I 57 -5.73 13.50 2.71
C ASN I 57 -6.68 12.36 3.09
N PRO I 58 -6.72 11.93 4.36
CA PRO I 58 -7.56 10.76 4.70
C PRO I 58 -9.03 10.99 4.43
N ASN I 59 -9.51 12.25 4.54
CA ASN I 59 -10.92 12.51 4.29
C ASN I 59 -11.23 12.43 2.80
N ASN I 60 -10.32 12.88 1.94
CA ASN I 60 -10.53 12.72 0.51
C ASN I 60 -10.43 11.26 0.10
N ALA I 61 -9.52 10.51 0.72
CA ALA I 61 -9.41 9.08 0.44
C ALA I 61 -10.70 8.35 0.80
N GLU I 62 -11.25 8.64 1.98
CA GLU I 62 -12.51 8.00 2.37
C GLU I 62 -13.65 8.45 1.46
N HIS I 63 -13.67 9.73 1.10
CA HIS I 63 -14.67 10.25 0.18
C HIS I 63 -14.63 9.49 -1.15
N LEU I 64 -13.43 9.29 -1.69
CA LEU I 64 -13.28 8.56 -2.95
C LEU I 64 -13.71 7.11 -2.77
N ALA I 65 -13.23 6.45 -1.73
CA ALA I 65 -13.55 5.03 -1.53
C ALA I 65 -15.04 4.83 -1.34
N GLN I 66 -15.71 5.74 -0.62
CA GLN I 66 -17.15 5.63 -0.42
C GLN I 66 -17.91 5.91 -1.73
N SER I 67 -17.43 6.88 -2.51
CA SER I 67 -18.10 7.24 -3.75
C SER I 67 -17.97 6.13 -4.80
N ILE I 68 -16.80 5.49 -4.86
CA ILE I 68 -16.62 4.37 -5.78
C ILE I 68 -17.52 3.21 -5.37
N ALA I 69 -17.63 2.95 -4.07
CA ALA I 69 -18.51 1.88 -3.60
C ALA I 69 -19.97 2.22 -3.87
N ASP I 70 -20.36 3.49 -3.76
CA ASP I 70 -21.71 3.90 -4.11
C ASP I 70 -21.99 3.64 -5.58
N LEU I 71 -21.01 3.92 -6.45
CA LEU I 71 -21.17 3.66 -7.87
C LEU I 71 -21.31 2.16 -8.15
N GLU I 72 -20.57 1.34 -7.40
CA GLU I 72 -20.65 -0.10 -7.59
C GLU I 72 -21.99 -0.65 -7.10
N ARG I 73 -22.48 -0.15 -5.97
CA ARG I 73 -23.75 -0.59 -5.41
C ARG I 73 -24.95 -0.03 -6.18
N GLY I 74 -24.77 1.02 -6.95
CA GLY I 74 -25.86 1.58 -7.70
C GLY I 74 -26.62 2.69 -7.00
N LYS I 75 -26.11 3.16 -5.86
CA LYS I 75 -26.67 4.34 -5.20
C LYS I 75 -26.05 5.55 -5.89
N THR I 76 -26.75 6.03 -6.93
CA THR I 76 -26.19 7.04 -7.81
C THR I 76 -27.27 8.03 -8.22
N ILE I 77 -26.84 9.06 -8.94
CA ILE I 77 -27.74 10.02 -9.57
C ILE I 77 -27.32 10.17 -11.03
N THR I 78 -28.27 9.95 -11.94
CA THR I 78 -28.00 10.05 -13.37
C THR I 78 -28.65 11.32 -13.93
N LYS I 79 -27.94 11.97 -14.84
CA LYS I 79 -28.31 13.29 -15.32
C LYS I 79 -27.93 13.43 -16.78
N ASP I 80 -28.77 14.14 -17.54
CA ASP I 80 -28.41 14.56 -18.90
C ASP I 80 -27.81 15.95 -18.83
N ILE I 81 -26.68 16.14 -19.50
CA ILE I 81 -25.92 17.39 -19.44
C ILE I 81 -25.55 17.79 -20.86
N ASP I 82 -25.87 19.03 -21.22
CA ASP I 82 -25.49 19.57 -22.52
C ASP I 82 -24.06 20.08 -22.46
N VAL I 83 -23.25 19.68 -23.43
CA VAL I 83 -21.84 20.03 -23.43
C VAL I 83 -21.41 20.65 -24.75
N MET J 1 10.74 21.26 -6.63
CA MET J 1 11.32 20.50 -7.73
C MET J 1 12.48 21.27 -8.37
N ILE J 2 13.66 20.68 -8.31
CA ILE J 2 14.86 21.19 -8.97
C ILE J 2 14.94 20.57 -10.36
N ILE J 3 15.38 21.35 -11.33
CA ILE J 3 15.44 20.93 -12.72
C ILE J 3 16.86 21.09 -13.23
N LYS J 4 17.41 20.00 -13.78
CA LYS J 4 18.79 19.93 -14.25
C LYS J 4 18.82 19.13 -15.53
N ASN J 5 19.79 19.43 -16.39
CA ASN J 5 19.98 18.60 -17.57
C ASN J 5 20.88 17.42 -17.23
N TYR J 6 20.87 16.41 -18.12
CA TYR J 6 21.58 15.17 -17.86
C TYR J 6 23.06 15.40 -17.60
N SER J 7 23.67 16.30 -18.37
CA SER J 7 25.10 16.56 -18.21
C SER J 7 25.41 17.17 -16.85
N TYR J 8 24.56 18.09 -16.37
CA TYR J 8 24.76 18.63 -15.03
C TYR J 8 24.56 17.55 -13.97
N ALA J 9 23.50 16.76 -14.11
CA ALA J 9 23.18 15.75 -13.12
C ALA J 9 24.30 14.73 -12.98
N ARG J 10 24.94 14.35 -14.09
CA ARG J 10 26.07 13.45 -13.99
C ARG J 10 27.27 14.15 -13.38
N GLN J 11 27.49 15.41 -13.74
CA GLN J 11 28.62 16.16 -13.20
C GLN J 11 28.52 16.28 -11.68
N ASN J 12 27.31 16.34 -11.14
CA ASN J 12 27.08 16.66 -9.74
C ASN J 12 26.16 15.64 -9.06
N LEU J 13 26.30 14.35 -9.43
CA LEU J 13 25.35 13.34 -8.97
C LEU J 13 25.35 13.21 -7.45
N LYS J 14 26.53 13.21 -6.83
CA LYS J 14 26.58 13.04 -5.39
C LYS J 14 25.94 14.21 -4.67
N ALA J 15 26.23 15.43 -5.11
CA ALA J 15 25.62 16.62 -4.49
C ALA J 15 24.11 16.60 -4.62
N LEU J 16 23.61 16.13 -5.77
CA LEU J 16 22.17 16.01 -5.96
C LEU J 16 21.56 14.94 -5.04
N MET J 17 22.19 13.77 -4.96
CA MET J 17 21.72 12.75 -4.03
C MET J 17 21.70 13.27 -2.60
N THR J 18 22.72 14.03 -2.23
CA THR J 18 22.74 14.64 -0.90
C THR J 18 21.62 15.64 -0.73
N LYS J 19 21.31 16.41 -1.78
CA LYS J 19 20.34 17.50 -1.65
C LYS J 19 18.93 16.96 -1.46
N VAL J 20 18.52 15.98 -2.27
CA VAL J 20 17.16 15.47 -2.16
C VAL J 20 16.93 14.80 -0.81
N ASN J 21 17.99 14.25 -0.20
CA ASN J 21 17.86 13.69 1.14
C ASN J 21 17.80 14.80 2.19
N ASP J 22 18.68 15.80 2.09
CA ASP J 22 18.69 16.89 3.06
C ASP J 22 17.41 17.73 2.99
N ASP J 23 16.91 17.99 1.78
CA ASP J 23 15.84 18.94 1.60
C ASP J 23 14.47 18.32 1.41
N SER J 24 14.38 16.98 1.35
CA SER J 24 13.13 16.31 0.99
C SER J 24 12.57 16.86 -0.32
N ASP J 25 13.48 17.24 -1.20
CA ASP J 25 13.20 17.82 -2.50
C ASP J 25 13.38 16.74 -3.56
N MET J 26 13.15 17.12 -4.83
CA MET J 26 13.34 16.20 -5.93
C MET J 26 14.03 16.93 -7.08
N VAL J 27 14.65 16.14 -7.95
CA VAL J 27 15.31 16.65 -9.14
C VAL J 27 14.68 15.97 -10.34
N THR J 28 14.27 16.76 -11.31
CA THR J 28 13.91 16.25 -12.63
C THR J 28 15.11 16.43 -13.55
N VAL J 29 15.58 15.33 -14.11
CA VAL J 29 16.72 15.35 -15.03
C VAL J 29 16.18 15.26 -16.44
N THR J 30 16.57 16.22 -17.30
CA THR J 30 16.07 16.28 -18.67
C THR J 30 17.07 15.65 -19.63
N SER J 31 16.55 15.23 -20.78
CA SER J 31 17.35 14.56 -21.80
C SER J 31 16.86 15.00 -23.18
N THR J 32 17.79 15.00 -24.15
CA THR J 32 17.44 15.36 -25.51
C THR J 32 16.51 14.33 -26.14
N ASP J 33 16.59 13.08 -25.69
CA ASP J 33 15.79 12.01 -26.27
C ASP J 33 14.52 11.72 -25.48
N ASP J 34 14.03 12.69 -24.71
CA ASP J 34 12.71 12.66 -24.09
C ASP J 34 12.56 11.51 -23.07
N LYS J 35 13.67 11.04 -22.50
CA LYS J 35 13.59 10.04 -21.46
C LYS J 35 13.96 10.64 -20.12
N ASN J 36 13.15 11.61 -19.66
CA ASN J 36 13.41 12.29 -18.40
C ASN J 36 13.18 11.35 -17.21
N VAL J 37 13.86 11.66 -16.10
CA VAL J 37 13.69 10.92 -14.86
C VAL J 37 13.50 11.90 -13.71
N VAL J 38 12.96 11.39 -12.61
CA VAL J 38 12.81 12.14 -11.36
C VAL J 38 13.60 11.41 -10.28
N ILE J 39 14.40 12.17 -9.54
CA ILE J 39 15.21 11.63 -8.45
C ILE J 39 14.63 12.14 -7.15
N MET J 40 14.36 11.21 -6.22
CA MET J 40 13.87 11.54 -4.89
C MET J 40 14.65 10.72 -3.88
N SER J 41 14.64 11.18 -2.63
CA SER J 41 15.28 10.44 -1.56
C SER J 41 14.55 9.12 -1.34
N GLU J 42 15.30 8.09 -0.92
CA GLU J 42 14.68 6.80 -0.64
C GLU J 42 13.71 6.89 0.52
N SER J 43 14.03 7.72 1.51
CA SER J 43 13.15 7.88 2.66
C SER J 43 11.83 8.52 2.26
N ASP J 44 11.88 9.52 1.37
CA ASP J 44 10.65 10.10 0.86
C ASP J 44 9.85 9.09 0.04
N TYR J 45 10.53 8.32 -0.82
CA TYR J 45 9.83 7.31 -1.60
C TYR J 45 9.14 6.31 -0.70
N ASN J 46 9.80 5.90 0.38
CA ASN J 46 9.22 4.91 1.27
C ASN J 46 8.03 5.47 2.02
N SER J 47 8.16 6.67 2.59
CA SER J 47 7.04 7.28 3.32
C SER J 47 5.86 7.53 2.40
N MET J 48 6.12 7.86 1.14
CA MET J 48 5.03 8.06 0.19
C MET J 48 4.31 6.75 -0.12
N MET J 49 5.07 5.66 -0.25
CA MET J 49 4.45 4.34 -0.39
C MET J 49 3.68 3.96 0.86
N GLU J 50 4.26 4.25 2.03
CA GLU J 50 3.55 4.05 3.30
C GLU J 50 2.20 4.75 3.28
N THR J 51 2.16 5.99 2.78
CA THR J 51 0.89 6.70 2.69
C THR J 51 -0.12 5.93 1.83
N LEU J 52 0.36 5.25 0.79
CA LEU J 52 -0.55 4.50 -0.07
C LEU J 52 -1.01 3.22 0.60
N TYR J 53 -0.11 2.55 1.32
CA TYR J 53 -0.51 1.37 2.09
C TYR J 53 -1.60 1.71 3.10
N LEU J 54 -1.51 2.88 3.72
CA LEU J 54 -2.43 3.23 4.79
C LEU J 54 -3.87 3.33 4.29
N GLN J 55 -4.04 3.82 3.06
CA GLN J 55 -5.36 4.06 2.49
C GLN J 55 -5.84 2.96 1.57
N GLN J 56 -5.07 1.88 1.40
CA GLN J 56 -5.37 0.92 0.34
C GLN J 56 -6.50 -0.06 0.71
N ASN J 57 -6.92 -0.13 1.97
CA ASN J 57 -7.86 -1.14 2.45
C ASN J 57 -9.06 -0.48 3.11
N PRO J 58 -9.92 0.20 2.34
CA PRO J 58 -11.04 0.93 2.96
C PRO J 58 -12.30 0.08 3.11
N ASN J 59 -13.43 0.74 3.40
CA ASN J 59 -14.72 0.07 3.49
C ASN J 59 -15.76 0.82 2.67
N MET K 1 2.39 43.61 -11.26
CA MET K 1 2.10 42.71 -12.37
C MET K 1 2.21 43.42 -13.72
N ILE K 2 3.23 43.05 -14.49
CA ILE K 2 3.36 43.52 -15.86
C ILE K 2 2.35 42.80 -16.75
N ILE K 3 1.81 43.51 -17.73
CA ILE K 3 0.85 42.95 -18.68
C ILE K 3 1.33 43.22 -20.09
N LYS K 4 1.49 42.16 -20.89
CA LYS K 4 1.83 42.25 -22.29
C LYS K 4 0.96 41.25 -23.03
N ASN K 5 0.92 41.36 -24.36
CA ASN K 5 0.16 40.41 -25.17
C ASN K 5 1.07 39.31 -25.72
N TYR K 6 0.44 38.28 -26.28
CA TYR K 6 1.15 37.11 -26.77
C TYR K 6 2.27 37.48 -27.73
N SER K 7 1.97 38.35 -28.69
CA SER K 7 2.96 38.69 -29.72
C SER K 7 4.17 39.37 -29.12
N TYR K 8 3.96 40.29 -28.18
CA TYR K 8 5.10 40.94 -27.52
C TYR K 8 5.94 39.91 -26.76
N ALA K 9 5.28 39.02 -26.02
CA ALA K 9 6.00 38.00 -25.26
C ALA K 9 6.79 37.08 -26.18
N ARG K 10 6.16 36.64 -27.29
CA ARG K 10 6.84 35.77 -28.24
C ARG K 10 8.08 36.47 -28.80
N GLN K 11 7.98 37.76 -29.09
CA GLN K 11 9.08 38.51 -29.67
C GLN K 11 10.09 39.00 -28.64
N ASN K 12 9.77 38.90 -27.35
CA ASN K 12 10.65 39.41 -26.29
C ASN K 12 10.72 38.44 -25.12
N LEU K 13 10.74 37.15 -25.42
CA LEU K 13 10.65 36.14 -24.37
C LEU K 13 11.85 36.22 -23.43
N LYS K 14 13.05 36.27 -23.99
CA LYS K 14 14.26 36.27 -23.16
C LYS K 14 14.31 37.49 -22.26
N ALA K 15 13.86 38.65 -22.75
CA ALA K 15 13.88 39.86 -21.94
C ALA K 15 12.88 39.78 -20.79
N LEU K 16 11.72 39.18 -21.04
CA LEU K 16 10.74 39.01 -19.96
C LEU K 16 11.26 38.04 -18.91
N MET K 17 11.82 36.91 -19.36
CA MET K 17 12.43 35.96 -18.41
C MET K 17 13.51 36.63 -17.58
N THR K 18 14.28 37.53 -18.21
CA THR K 18 15.30 38.27 -17.46
C THR K 18 14.66 39.22 -16.45
N LYS K 19 13.54 39.84 -16.81
CA LYS K 19 12.95 40.85 -15.94
C LYS K 19 12.29 40.21 -14.72
N VAL K 20 11.53 39.12 -14.93
CA VAL K 20 10.86 38.51 -13.77
C VAL K 20 11.88 37.91 -12.81
N ASN K 21 13.07 37.55 -13.32
CA ASN K 21 14.10 37.02 -12.44
C ASN K 21 14.89 38.16 -11.78
N ASP K 22 15.28 39.17 -12.57
CA ASP K 22 16.11 40.24 -12.03
C ASP K 22 15.31 41.16 -11.11
N ASP K 23 14.12 41.57 -11.53
CA ASP K 23 13.31 42.52 -10.79
C ASP K 23 12.27 41.86 -9.91
N SER K 24 12.31 40.53 -9.77
CA SER K 24 11.34 39.78 -8.98
C SER K 24 9.90 40.13 -9.35
N ASP K 25 9.68 40.42 -10.63
CA ASP K 25 8.36 40.80 -11.12
C ASP K 25 7.62 39.58 -11.66
N MET K 26 6.37 39.81 -12.05
CA MET K 26 5.55 38.81 -12.71
C MET K 26 4.94 39.42 -13.96
N VAL K 27 4.64 38.57 -14.93
CA VAL K 27 4.12 39.01 -16.22
C VAL K 27 2.87 38.21 -16.54
N THR K 28 1.78 38.93 -16.83
CA THR K 28 0.59 38.32 -17.41
C THR K 28 0.66 38.50 -18.93
N VAL K 29 0.42 37.42 -19.65
CA VAL K 29 0.46 37.42 -21.11
C VAL K 29 -0.95 37.14 -21.62
N THR K 30 -1.53 38.12 -22.31
CA THR K 30 -2.91 38.02 -22.77
C THR K 30 -2.97 37.36 -24.15
N SER K 31 -4.12 36.73 -24.42
CA SER K 31 -4.39 36.16 -25.73
C SER K 31 -5.83 36.49 -26.10
N THR K 32 -6.13 36.38 -27.40
CA THR K 32 -7.44 36.75 -27.90
C THR K 32 -8.48 35.65 -27.74
N ASP K 33 -8.08 34.43 -27.39
CA ASP K 33 -9.01 33.36 -27.08
C ASP K 33 -9.10 33.11 -25.57
N ASP K 34 -8.73 34.09 -24.76
CA ASP K 34 -8.90 34.18 -23.31
C ASP K 34 -7.96 33.25 -22.55
N LYS K 35 -7.11 32.48 -23.24
CA LYS K 35 -6.21 31.54 -22.60
C LYS K 35 -4.92 32.25 -22.16
N ASN K 36 -5.06 33.08 -21.13
CA ASN K 36 -3.96 33.88 -20.63
C ASN K 36 -3.09 33.06 -19.65
N VAL K 37 -1.87 33.56 -19.43
CA VAL K 37 -0.91 32.90 -18.56
C VAL K 37 -0.22 33.93 -17.68
N VAL K 38 0.30 33.44 -16.55
CA VAL K 38 1.15 34.24 -15.66
C VAL K 38 2.54 33.61 -15.66
N ILE K 39 3.56 34.46 -15.73
CA ILE K 39 4.95 34.02 -15.77
C ILE K 39 5.65 34.58 -14.53
N MET K 40 6.40 33.72 -13.84
CA MET K 40 7.09 34.13 -12.62
C MET K 40 8.40 33.36 -12.52
N SER K 41 9.29 33.86 -11.66
CA SER K 41 10.55 33.17 -11.39
C SER K 41 10.28 31.86 -10.68
N GLU K 42 11.25 30.95 -10.78
CA GLU K 42 11.15 29.68 -10.07
C GLU K 42 11.06 29.90 -8.56
N SER K 43 11.82 30.85 -8.02
CA SER K 43 11.78 31.09 -6.58
C SER K 43 10.46 31.71 -6.15
N ASP K 44 9.85 32.54 -7.01
CA ASP K 44 8.51 33.02 -6.74
C ASP K 44 7.53 31.87 -6.71
N TYR K 45 7.62 30.96 -7.70
CA TYR K 45 6.72 29.81 -7.74
C TYR K 45 6.91 28.91 -6.52
N ASN K 46 8.17 28.59 -6.20
CA ASN K 46 8.44 27.75 -5.04
C ASN K 46 7.89 28.38 -3.76
N SER K 47 8.07 29.70 -3.60
CA SER K 47 7.57 30.37 -2.41
C SER K 47 6.04 30.35 -2.37
N MET K 48 5.39 30.57 -3.51
CA MET K 48 3.93 30.61 -3.54
C MET K 48 3.35 29.23 -3.25
N MET K 49 3.93 28.19 -3.88
CA MET K 49 3.40 26.84 -3.71
C MET K 49 3.55 26.34 -2.28
N GLU K 50 4.63 26.71 -1.59
CA GLU K 50 4.82 26.24 -0.22
C GLU K 50 3.77 26.84 0.72
N THR K 51 3.53 28.15 0.63
CA THR K 51 2.46 28.75 1.42
C THR K 51 1.11 28.16 1.05
N LEU K 52 0.85 27.97 -0.25
CA LEU K 52 -0.40 27.34 -0.68
C LEU K 52 -0.55 25.95 -0.10
N TYR K 53 0.55 25.19 -0.04
CA TYR K 53 0.51 23.85 0.52
C TYR K 53 0.02 23.88 1.96
N LEU K 54 0.52 24.84 2.75
CA LEU K 54 0.17 24.90 4.15
C LEU K 54 -1.25 25.44 4.34
N GLN K 55 -1.71 26.30 3.43
CA GLN K 55 -2.99 26.97 3.58
C GLN K 55 -4.15 26.23 2.93
N GLN K 56 -3.87 25.42 1.90
CA GLN K 56 -4.94 24.87 1.08
C GLN K 56 -5.89 24.00 1.90
N ASN K 57 -5.36 23.23 2.85
CA ASN K 57 -6.18 22.46 3.77
C ASN K 57 -6.69 23.37 4.88
N PRO K 58 -8.00 23.55 5.03
CA PRO K 58 -8.51 24.51 6.03
C PRO K 58 -8.17 24.12 7.45
N ASN K 59 -8.09 22.82 7.74
CA ASN K 59 -7.76 22.39 9.09
C ASN K 59 -6.31 22.71 9.42
N ASN K 60 -5.40 22.56 8.46
CA ASN K 60 -4.01 22.95 8.68
C ASN K 60 -3.87 24.46 8.74
N ALA K 61 -4.63 25.19 7.91
CA ALA K 61 -4.65 26.64 8.01
C ALA K 61 -5.13 27.09 9.38
N GLU K 62 -6.22 26.48 9.85
CA GLU K 62 -6.73 26.80 11.18
C GLU K 62 -5.72 26.43 12.26
N HIS K 63 -5.06 25.28 12.10
CA HIS K 63 -4.02 24.86 13.04
C HIS K 63 -2.88 25.87 13.09
N LEU K 64 -2.45 26.38 11.92
CA LEU K 64 -1.36 27.34 11.90
C LEU K 64 -1.78 28.68 12.49
N ALA K 65 -3.01 29.12 12.21
CA ALA K 65 -3.50 30.38 12.76
C ALA K 65 -3.59 30.33 14.27
N GLN K 66 -4.17 29.25 14.79
CA GLN K 66 -4.24 29.05 16.23
C GLN K 66 -2.85 29.04 16.86
N SER K 67 -1.89 28.35 16.22
CA SER K 67 -0.56 28.22 16.79
C SER K 67 0.22 29.53 16.76
N ILE K 68 0.11 30.28 15.65
CA ILE K 68 0.77 31.58 15.57
C ILE K 68 0.19 32.54 16.61
N ALA K 69 -1.13 32.53 16.77
CA ALA K 69 -1.76 33.37 17.78
C ALA K 69 -1.35 32.95 19.19
N ASP K 70 -1.22 31.65 19.43
CA ASP K 70 -0.77 31.16 20.73
C ASP K 70 0.64 31.66 21.05
N LEU K 71 1.52 31.67 20.03
CA LEU K 71 2.88 32.15 20.23
C LEU K 71 2.90 33.64 20.51
N GLU K 72 2.04 34.40 19.84
CA GLU K 72 2.02 35.86 20.01
C GLU K 72 1.38 36.29 21.32
N ARG K 73 0.52 35.46 21.93
CA ARG K 73 -0.10 35.78 23.20
C ARG K 73 0.52 35.02 24.37
N GLY K 74 1.62 34.30 24.15
CA GLY K 74 2.40 33.74 25.23
C GLY K 74 1.96 32.38 25.73
N LYS K 75 0.92 31.79 25.16
CA LYS K 75 0.50 30.44 25.52
C LYS K 75 1.44 29.47 24.80
N THR K 76 2.58 29.17 25.43
CA THR K 76 3.64 28.43 24.77
C THR K 76 4.20 27.36 25.70
N ILE K 77 4.95 26.45 25.11
CA ILE K 77 5.75 25.45 25.83
C ILE K 77 7.20 25.64 25.43
N THR K 78 8.09 25.57 26.40
CA THR K 78 9.53 25.67 26.15
C THR K 78 10.17 24.29 26.28
N LYS K 79 10.99 23.93 25.29
CA LYS K 79 11.77 22.71 25.32
C LYS K 79 13.25 23.03 25.21
N ASP K 80 14.07 22.15 25.80
CA ASP K 80 15.50 22.16 25.60
C ASP K 80 15.88 20.91 24.83
N ILE K 81 16.56 21.09 23.70
CA ILE K 81 16.78 20.03 22.73
C ILE K 81 18.28 19.90 22.44
N ASP K 82 18.78 18.68 22.53
CA ASP K 82 20.17 18.39 22.17
C ASP K 82 20.25 18.18 20.66
N VAL K 83 20.90 19.10 19.96
CA VAL K 83 21.04 18.97 18.52
C VAL K 83 22.48 18.59 18.16
N MET L 1 4.16 18.97 -14.17
CA MET L 1 5.07 20.01 -14.62
C MET L 1 5.70 19.66 -15.97
N ILE L 2 5.40 20.46 -16.98
CA ILE L 2 6.02 20.36 -18.30
C ILE L 2 7.32 21.16 -18.28
N ILE L 3 8.35 20.62 -18.91
CA ILE L 3 9.68 21.24 -18.92
C ILE L 3 10.13 21.39 -20.36
N LYS L 4 10.45 22.63 -20.75
CA LYS L 4 10.93 22.95 -22.08
C LYS L 4 12.05 23.98 -21.96
N ASN L 5 12.94 24.00 -22.94
CA ASN L 5 13.97 25.03 -22.93
C ASN L 5 13.44 26.30 -23.59
N TYR L 6 14.21 27.39 -23.43
CA TYR L 6 13.80 28.69 -23.94
C TYR L 6 13.45 28.64 -25.42
N SER L 7 14.32 28.01 -26.22
CA SER L 7 14.12 28.01 -27.67
C SER L 7 12.82 27.30 -28.05
N TYR L 8 12.52 26.17 -27.41
CA TYR L 8 11.25 25.50 -27.68
C TYR L 8 10.07 26.35 -27.23
N ALA L 9 10.21 27.02 -26.07
CA ALA L 9 9.12 27.85 -25.56
C ALA L 9 8.77 28.97 -26.53
N ARG L 10 9.78 29.62 -27.10
CA ARG L 10 9.50 30.72 -28.02
C ARG L 10 8.90 30.21 -29.33
N GLN L 11 9.44 29.10 -29.86
CA GLN L 11 8.93 28.52 -31.09
C GLN L 11 7.55 27.91 -30.94
N ASN L 12 7.09 27.70 -29.70
CA ASN L 12 5.79 27.07 -29.49
C ASN L 12 4.97 27.78 -28.41
N LEU L 13 5.14 29.09 -28.25
CA LEU L 13 4.57 29.79 -27.11
C LEU L 13 3.06 29.63 -27.04
N LYS L 14 2.39 29.75 -28.18
CA LYS L 14 0.93 29.67 -28.17
C LYS L 14 0.48 28.31 -27.66
N ALA L 15 0.99 27.22 -28.25
CA ALA L 15 0.57 25.88 -27.84
C ALA L 15 0.78 25.67 -26.35
N LEU L 16 1.85 26.23 -25.79
CA LEU L 16 2.10 26.09 -24.36
C LEU L 16 1.07 26.87 -23.55
N MET L 17 0.67 28.05 -24.03
CA MET L 17 -0.34 28.85 -23.35
C MET L 17 -1.67 28.12 -23.28
N THR L 18 -2.12 27.55 -24.40
CA THR L 18 -3.39 26.82 -24.36
C THR L 18 -3.24 25.49 -23.63
N LYS L 19 -2.02 24.94 -23.56
CA LYS L 19 -1.80 23.70 -22.83
C LYS L 19 -1.99 23.89 -21.33
N VAL L 20 -1.30 24.90 -20.76
CA VAL L 20 -1.42 25.12 -19.33
C VAL L 20 -2.84 25.51 -18.96
N ASN L 21 -3.57 26.15 -19.88
CA ASN L 21 -4.96 26.49 -19.62
C ASN L 21 -5.86 25.27 -19.70
N ASP L 22 -5.67 24.44 -20.74
CA ASP L 22 -6.50 23.26 -20.92
C ASP L 22 -6.27 22.24 -19.82
N ASP L 23 -5.02 22.06 -19.39
CA ASP L 23 -4.67 21.00 -18.47
C ASP L 23 -4.49 21.46 -17.03
N SER L 24 -4.64 22.76 -16.76
CA SER L 24 -4.36 23.31 -15.44
C SER L 24 -3.00 22.85 -14.93
N ASP L 25 -2.02 22.94 -15.82
CA ASP L 25 -0.65 22.48 -15.60
C ASP L 25 0.28 23.69 -15.64
N MET L 26 1.56 23.46 -15.32
CA MET L 26 2.57 24.51 -15.46
C MET L 26 3.65 24.08 -16.44
N VAL L 27 4.39 25.06 -16.92
CA VAL L 27 5.58 24.83 -17.73
C VAL L 27 6.73 25.57 -17.07
N THR L 28 7.83 24.86 -16.80
CA THR L 28 9.08 25.51 -16.46
C THR L 28 9.90 25.66 -17.72
N VAL L 29 10.32 26.88 -18.02
CA VAL L 29 11.15 27.18 -19.17
C VAL L 29 12.58 27.35 -18.67
N THR L 30 13.49 26.52 -19.18
CA THR L 30 14.86 26.56 -18.73
C THR L 30 15.69 27.49 -19.60
N SER L 31 16.76 28.02 -19.00
CA SER L 31 17.67 28.94 -19.67
C SER L 31 19.10 28.58 -19.29
N THR L 32 20.01 28.88 -20.21
CA THR L 32 21.43 28.59 -19.99
C THR L 32 22.12 29.62 -19.11
N ASP L 33 21.44 30.71 -18.75
CA ASP L 33 22.03 31.78 -17.94
C ASP L 33 21.25 32.02 -16.65
N ASP L 34 20.64 30.96 -16.11
CA ASP L 34 20.04 30.97 -14.77
C ASP L 34 18.78 31.86 -14.71
N LYS L 35 18.03 31.97 -15.80
CA LYS L 35 16.84 32.81 -15.82
C LYS L 35 15.57 31.99 -16.02
N ASN L 36 15.42 30.91 -15.26
CA ASN L 36 14.25 30.04 -15.39
C ASN L 36 12.97 30.73 -14.95
N VAL L 37 11.87 30.45 -15.66
CA VAL L 37 10.56 30.94 -15.29
C VAL L 37 9.58 29.79 -15.29
N VAL L 38 8.49 29.97 -14.54
CA VAL L 38 7.37 29.03 -14.53
C VAL L 38 6.17 29.72 -15.17
N ILE L 39 5.46 29.00 -16.02
CA ILE L 39 4.29 29.52 -16.71
C ILE L 39 3.08 28.70 -16.28
N MET L 40 2.04 29.40 -15.81
CA MET L 40 0.80 28.80 -15.38
C MET L 40 -0.36 29.58 -15.97
N SER L 41 -1.54 28.97 -16.00
CA SER L 41 -2.72 29.66 -16.49
C SER L 41 -3.08 30.80 -15.54
N GLU L 42 -3.66 31.87 -16.10
CA GLU L 42 -4.06 32.99 -15.25
C GLU L 42 -5.15 32.58 -14.28
N SER L 43 -6.11 31.76 -14.74
CA SER L 43 -7.18 31.31 -13.84
C SER L 43 -6.63 30.51 -12.68
N ASP L 44 -5.60 29.71 -12.93
CA ASP L 44 -4.95 28.98 -11.84
C ASP L 44 -4.25 29.94 -10.88
N TYR L 45 -3.55 30.95 -11.42
CA TYR L 45 -2.89 31.92 -10.55
C TYR L 45 -3.92 32.63 -9.67
N ASN L 46 -5.05 33.03 -10.25
CA ASN L 46 -6.04 33.79 -9.51
C ASN L 46 -6.66 32.95 -8.40
N SER L 47 -6.97 31.68 -8.68
CA SER L 47 -7.58 30.83 -7.66
C SER L 47 -6.57 30.42 -6.60
N MET L 48 -5.29 30.35 -6.94
CA MET L 48 -4.26 30.14 -5.92
C MET L 48 -4.15 31.37 -5.01
N MET L 49 -4.07 32.56 -5.61
CA MET L 49 -4.00 33.79 -4.81
C MET L 49 -5.24 33.97 -3.96
N GLU L 50 -6.41 33.63 -4.52
CA GLU L 50 -7.66 33.68 -3.77
C GLU L 50 -7.56 32.87 -2.49
N THR L 51 -6.92 31.70 -2.56
CA THR L 51 -6.73 30.90 -1.37
C THR L 51 -5.82 31.60 -0.37
N LEU L 52 -4.77 32.26 -0.85
CA LEU L 52 -3.82 32.91 0.06
C LEU L 52 -4.43 34.16 0.69
N TYR L 53 -5.20 34.93 -0.09
CA TYR L 53 -5.82 36.13 0.45
C TYR L 53 -6.90 35.83 1.49
N LEU L 54 -7.38 34.59 1.55
CA LEU L 54 -8.51 34.25 2.40
C LEU L 54 -8.13 34.35 3.88
N GLN L 55 -9.06 34.87 4.69
CA GLN L 55 -8.81 35.10 6.11
C GLN L 55 -9.19 33.86 6.92
N GLN L 56 -8.39 33.59 7.96
CA GLN L 56 -8.61 32.45 8.84
C GLN L 56 -8.89 32.95 10.26
N ASN L 57 -9.54 32.08 11.03
CA ASN L 57 -10.16 32.36 12.34
C ASN L 57 -10.25 33.83 12.74
N ALA M 2 -25.02 18.50 -28.31
CA ALA M 2 -24.55 17.22 -27.79
C ALA M 2 -24.82 17.11 -26.30
N ARG M 3 -25.63 16.13 -25.93
CA ARG M 3 -25.96 15.86 -24.54
C ARG M 3 -25.37 14.53 -24.11
N LEU M 4 -24.88 14.47 -22.87
CA LEU M 4 -24.28 13.27 -22.31
C LEU M 4 -25.12 12.77 -21.14
N ASN M 5 -25.24 11.44 -21.05
CA ASN M 5 -25.86 10.81 -19.88
C ASN M 5 -24.75 10.50 -18.89
N ILE M 6 -24.80 11.14 -17.72
CA ILE M 6 -23.71 11.12 -16.75
C ILE M 6 -24.24 10.56 -15.45
N THR M 7 -23.51 9.60 -14.88
CA THR M 7 -23.85 9.02 -13.60
C THR M 7 -22.93 9.58 -12.53
N PHE M 8 -23.52 10.10 -11.45
CA PHE M 8 -22.79 10.70 -10.34
C PHE M 8 -22.88 9.81 -9.11
N SER M 9 -21.81 9.77 -8.34
CA SER M 9 -21.92 9.33 -6.96
C SER M 9 -22.69 10.40 -6.18
N PRO M 10 -23.33 10.03 -5.06
CA PRO M 10 -24.11 11.03 -4.31
C PRO M 10 -23.30 12.24 -3.89
N GLN M 11 -22.07 12.02 -3.41
CA GLN M 11 -21.25 13.15 -2.98
C GLN M 11 -20.76 13.97 -4.16
N ALA M 12 -20.45 13.32 -5.27
CA ALA M 12 -20.03 14.06 -6.46
C ALA M 12 -21.16 14.94 -6.99
N PHE M 13 -22.41 14.46 -6.91
CA PHE M 13 -23.52 15.26 -7.38
C PHE M 13 -23.75 16.47 -6.48
N GLU M 14 -23.62 16.30 -5.17
CA GLU M 14 -23.74 17.43 -4.26
C GLU M 14 -22.69 18.49 -4.56
N ASP M 15 -21.48 18.05 -4.91
CA ASP M 15 -20.41 19.00 -5.21
C ASP M 15 -20.63 19.69 -6.55
N TYR M 16 -21.13 18.94 -7.54
CA TYR M 16 -21.47 19.53 -8.84
C TYR M 16 -22.52 20.62 -8.68
N LYS M 17 -23.55 20.36 -7.86
CA LYS M 17 -24.55 21.38 -7.58
C LYS M 17 -23.92 22.58 -6.87
N TYR M 18 -23.04 22.33 -5.90
CA TYR M 18 -22.37 23.43 -5.21
C TYR M 18 -21.68 24.34 -6.21
N PHE M 19 -20.96 23.75 -7.16
CA PHE M 19 -20.28 24.55 -8.18
C PHE M 19 -21.28 25.31 -9.04
N GLN M 20 -22.42 24.68 -9.34
CA GLN M 20 -23.45 25.38 -10.11
C GLN M 20 -23.96 26.60 -9.36
N GLN M 21 -24.04 26.52 -8.03
CA GLN M 21 -24.54 27.65 -7.25
C GLN M 21 -23.46 28.69 -6.98
N ASN M 22 -22.19 28.28 -6.85
CA ASN M 22 -21.14 29.18 -6.37
C ASN M 22 -19.96 29.36 -7.31
N ASP M 23 -19.77 28.49 -8.30
CA ASP M 23 -18.57 28.58 -9.11
C ASP M 23 -18.80 28.04 -10.52
N LYS M 24 -19.54 28.80 -11.34
CA LYS M 24 -19.95 28.30 -12.64
C LYS M 24 -18.77 28.07 -13.59
N LYS M 25 -17.61 28.67 -13.32
CA LYS M 25 -16.43 28.39 -14.12
C LYS M 25 -15.98 26.94 -13.95
N MET M 26 -16.14 26.38 -12.75
CA MET M 26 -15.78 24.99 -12.51
C MET M 26 -16.71 24.06 -13.29
N VAL M 27 -18.01 24.34 -13.28
CA VAL M 27 -18.96 23.52 -14.03
C VAL M 27 -18.63 23.52 -15.52
N LYS M 28 -18.34 24.71 -16.06
CA LYS M 28 -17.98 24.83 -17.47
C LYS M 28 -16.76 23.96 -17.80
N LYS M 29 -15.74 23.98 -16.94
CA LYS M 29 -14.55 23.17 -17.18
C LYS M 29 -14.86 21.69 -17.02
N ILE M 30 -15.66 21.33 -16.01
CA ILE M 30 -16.05 19.93 -15.84
C ILE M 30 -16.77 19.43 -17.08
N ASN M 31 -17.71 20.23 -17.60
CA ASN M 31 -18.44 19.82 -18.79
C ASN M 31 -17.51 19.66 -19.99
N GLU M 32 -16.45 20.48 -20.05
CA GLU M 32 -15.49 20.34 -21.14
C GLU M 32 -14.67 19.06 -21.01
N LEU M 33 -14.36 18.65 -19.78
CA LEU M 33 -13.64 17.40 -19.57
C LEU M 33 -14.51 16.20 -19.89
N LEU M 34 -15.80 16.26 -19.52
CA LEU M 34 -16.74 15.20 -19.89
C LEU M 34 -16.85 15.06 -21.40
N LYS M 35 -16.93 16.19 -22.10
CA LYS M 35 -16.99 16.18 -23.56
C LYS M 35 -15.75 15.51 -24.15
N SER M 36 -14.57 15.82 -23.61
CA SER M 36 -13.34 15.23 -24.11
C SER M 36 -13.28 13.74 -23.81
N ILE M 37 -13.75 13.32 -22.64
CA ILE M 37 -13.76 11.90 -22.29
C ILE M 37 -14.64 11.13 -23.26
N ASP M 38 -15.84 11.64 -23.54
CA ASP M 38 -16.75 10.95 -24.44
C ASP M 38 -16.21 10.91 -25.87
N ARG M 39 -15.55 12.00 -26.29
CA ARG M 39 -15.04 12.08 -27.65
C ARG M 39 -13.78 11.24 -27.83
N ASN M 40 -12.91 11.19 -26.82
CA ASN M 40 -11.58 10.64 -26.98
C ASN M 40 -11.27 9.42 -26.11
N GLY M 41 -12.15 9.03 -25.20
CA GLY M 41 -11.86 7.92 -24.32
C GLY M 41 -11.17 8.37 -23.04
N ALA M 42 -10.99 7.40 -22.14
CA ALA M 42 -10.68 7.73 -20.76
C ALA M 42 -9.31 8.40 -20.61
N LEU M 43 -8.36 8.11 -21.50
CA LEU M 43 -6.97 8.48 -21.28
C LEU M 43 -6.43 9.49 -22.29
N GLU M 44 -7.28 10.04 -23.15
CA GLU M 44 -6.83 10.99 -24.16
C GLU M 44 -7.57 12.31 -24.02
N GLY M 45 -6.86 13.41 -24.25
CA GLY M 45 -7.46 14.72 -24.33
C GLY M 45 -6.98 15.66 -23.24
N ILE M 46 -7.80 16.67 -22.97
CA ILE M 46 -7.43 17.74 -22.05
C ILE M 46 -7.52 17.26 -20.61
N GLY M 47 -6.80 17.96 -19.73
CA GLY M 47 -6.89 17.73 -18.31
C GLY M 47 -5.83 16.83 -17.72
N LYS M 48 -4.78 16.52 -18.46
CA LYS M 48 -3.71 15.63 -17.99
C LYS M 48 -4.29 14.33 -17.39
N PRO M 49 -4.93 13.50 -18.21
CA PRO M 49 -5.53 12.28 -17.68
C PRO M 49 -4.48 11.38 -17.04
N GLU M 50 -4.82 10.80 -15.89
CA GLU M 50 -3.93 9.88 -15.21
C GLU M 50 -4.71 8.64 -14.79
N LYS M 51 -4.07 7.48 -14.95
CA LYS M 51 -4.62 6.22 -14.50
C LYS M 51 -4.33 6.08 -13.00
N LEU M 52 -5.39 5.91 -12.20
CA LEU M 52 -5.23 5.86 -10.76
C LEU M 52 -4.89 4.45 -10.30
N LYS M 53 -4.20 4.38 -9.16
CA LYS M 53 -3.64 3.13 -8.63
C LYS M 53 -4.33 2.74 -7.34
N SER M 54 -3.88 1.63 -6.76
CA SER M 54 -4.29 1.13 -5.44
C SER M 54 -5.81 0.91 -5.48
N ASN M 55 -6.54 1.26 -4.41
CA ASN M 55 -7.98 1.01 -4.39
C ASN M 55 -8.75 1.92 -5.34
N LEU M 56 -8.08 2.84 -6.00
CA LEU M 56 -8.68 3.65 -7.05
C LEU M 56 -8.50 3.04 -8.44
N THR M 57 -7.94 1.83 -8.50
CA THR M 57 -7.68 1.18 -9.77
C THR M 57 -8.97 0.97 -10.55
N GLY M 58 -8.93 1.26 -11.84
CA GLY M 58 -10.12 1.28 -12.68
C GLY M 58 -10.71 2.67 -12.85
N TYR M 59 -10.20 3.65 -12.14
CA TYR M 59 -10.67 5.02 -12.25
C TYR M 59 -9.56 5.91 -12.76
N TYR M 60 -9.95 7.10 -13.21
CA TYR M 60 -9.02 8.04 -13.82
C TYR M 60 -9.27 9.41 -13.22
N SER M 61 -8.28 10.27 -13.34
CA SER M 61 -8.40 11.65 -12.87
C SER M 61 -8.01 12.61 -13.98
N ARG M 62 -8.79 13.66 -14.13
CA ARG M 62 -8.43 14.81 -14.95
C ARG M 62 -8.52 16.05 -14.08
N ARG M 63 -7.71 17.05 -14.40
CA ARG M 63 -7.63 18.23 -13.57
C ARG M 63 -8.72 19.22 -13.97
N ILE M 64 -9.54 19.61 -13.00
CA ILE M 64 -10.49 20.71 -13.20
C ILE M 64 -9.77 22.03 -13.03
N ASN M 65 -8.99 22.17 -11.98
CA ASN M 65 -8.01 23.24 -11.85
C ASN M 65 -6.83 22.68 -11.06
N HIS M 66 -6.01 23.58 -10.50
CA HIS M 66 -4.83 23.14 -9.77
C HIS M 66 -5.20 22.27 -8.57
N GLU M 67 -6.35 22.52 -7.97
CA GLU M 67 -6.74 21.87 -6.73
C GLU M 67 -7.70 20.70 -6.94
N HIS M 68 -8.70 20.86 -7.78
CA HIS M 68 -9.78 19.89 -7.86
C HIS M 68 -9.55 18.90 -9.00
N ARG M 69 -9.99 17.67 -8.78
CA ARG M 69 -9.85 16.59 -9.74
C ARG M 69 -11.22 16.01 -10.09
N LEU M 70 -11.42 15.73 -11.38
CA LEU M 70 -12.53 14.91 -11.84
C LEU M 70 -12.06 13.45 -11.83
N VAL M 71 -12.61 12.67 -10.90
CA VAL M 71 -12.29 11.25 -10.78
C VAL M 71 -13.46 10.46 -11.33
N TYR M 72 -13.18 9.63 -12.34
CA TYR M 72 -14.24 9.05 -13.15
C TYR M 72 -13.77 7.70 -13.71
N THR M 73 -14.74 6.94 -14.20
CA THR M 73 -14.48 5.73 -14.96
C THR M 73 -15.47 5.68 -16.12
N VAL M 74 -15.15 4.85 -17.12
CA VAL M 74 -16.01 4.64 -18.28
C VAL M 74 -16.40 3.17 -18.32
N ASP M 75 -17.69 2.90 -18.17
CA ASP M 75 -18.22 1.54 -18.09
C ASP M 75 -19.18 1.36 -19.27
N ASP M 76 -18.69 0.71 -20.33
CA ASP M 76 -19.48 0.49 -21.54
C ASP M 76 -19.93 1.83 -22.13
N ASN M 77 -18.99 2.76 -22.25
CA ASN M 77 -19.17 4.09 -22.81
C ASN M 77 -20.03 5.00 -21.93
N HIS M 78 -20.46 4.51 -20.77
CA HIS M 78 -21.10 5.35 -19.78
C HIS M 78 -20.04 5.94 -18.87
N ILE M 79 -20.06 7.27 -18.72
CA ILE M 79 -19.16 7.95 -17.80
C ILE M 79 -19.78 7.97 -16.42
N LYS M 80 -19.02 7.54 -15.42
CA LYS M 80 -19.43 7.58 -14.02
C LYS M 80 -18.46 8.47 -13.26
N ILE M 81 -19.00 9.36 -12.43
CA ILE M 81 -18.20 10.37 -11.75
C ILE M 81 -18.16 10.02 -10.26
N ALA M 82 -16.98 9.70 -9.76
CA ALA M 82 -16.81 9.47 -8.32
C ALA M 82 -16.65 10.79 -7.57
N SER M 83 -15.95 11.75 -8.17
CA SER M 83 -15.60 12.99 -7.49
C SER M 83 -15.35 14.09 -8.50
N CYS M 84 -15.68 15.32 -8.11
CA CYS M 84 -15.37 16.51 -8.90
C CYS M 84 -14.98 17.67 -8.01
N LYS M 85 -14.54 17.38 -6.79
CA LYS M 85 -14.21 18.41 -5.82
C LYS M 85 -13.42 17.76 -4.68
N TYR M 86 -12.29 18.36 -4.33
CA TYR M 86 -11.47 17.81 -3.26
C TYR M 86 -12.20 17.94 -1.93
N HIS M 87 -12.20 16.85 -1.17
CA HIS M 87 -12.83 16.81 0.14
C HIS M 87 -11.74 16.91 1.21
N TYR M 88 -11.85 17.89 2.08
CA TYR M 88 -10.93 18.04 3.20
C TYR M 88 -11.58 17.56 4.50
N ALA N 2 25.24 20.96 21.11
CA ALA N 2 24.61 22.16 21.64
C ALA N 2 23.21 21.87 22.13
N ARG N 3 22.80 22.56 23.19
CA ARG N 3 21.49 22.39 23.83
C ARG N 3 20.71 23.68 23.64
N LEU N 4 19.72 23.65 22.76
CA LEU N 4 18.99 24.84 22.34
C LEU N 4 17.70 25.01 23.13
N ASN N 5 17.30 26.27 23.33
CA ASN N 5 16.04 26.63 23.97
C ASN N 5 15.03 26.97 22.89
N ILE N 6 13.97 26.17 22.78
CA ILE N 6 13.01 26.28 21.69
C ILE N 6 11.63 26.50 22.27
N THR N 7 10.89 27.45 21.69
CA THR N 7 9.53 27.76 22.10
C THR N 7 8.57 27.07 21.14
N PHE N 8 7.70 26.23 21.69
CA PHE N 8 6.71 25.52 20.89
C PHE N 8 5.32 26.10 21.10
N SER N 9 4.54 26.13 20.03
CA SER N 9 3.10 26.28 20.19
C SER N 9 2.56 25.02 20.87
N PRO N 10 1.42 25.12 21.56
CA PRO N 10 0.89 23.92 22.24
C PRO N 10 0.64 22.76 21.29
N GLN N 11 0.11 23.03 20.10
CA GLN N 11 -0.18 21.95 19.15
C GLN N 11 1.10 21.39 18.55
N ALA N 12 2.09 22.25 18.28
CA ALA N 12 3.38 21.76 17.81
C ALA N 12 4.07 20.92 18.88
N PHE N 13 3.89 21.29 20.15
CA PHE N 13 4.47 20.51 21.24
C PHE N 13 3.87 19.10 21.29
N GLU N 14 2.54 19.00 21.20
CA GLU N 14 1.89 17.70 21.21
C GLU N 14 2.35 16.83 20.05
N ASP N 15 2.61 17.45 18.89
CA ASP N 15 3.06 16.68 17.74
C ASP N 15 4.51 16.24 17.90
N TYR N 16 5.37 17.12 18.44
CA TYR N 16 6.75 16.74 18.72
C TYR N 16 6.79 15.58 19.72
N LYS N 17 5.99 15.67 20.78
CA LYS N 17 5.86 14.56 21.72
C LYS N 17 5.40 13.30 21.01
N TYR N 18 4.43 13.42 20.10
CA TYR N 18 3.94 12.26 19.37
C TYR N 18 5.07 11.58 18.62
N PHE N 19 5.89 12.36 17.91
CA PHE N 19 7.03 11.79 17.20
C PHE N 19 8.03 11.17 18.16
N GLN N 20 8.22 11.78 19.34
CA GLN N 20 9.13 11.23 20.32
C GLN N 20 8.69 9.84 20.77
N GLN N 21 7.38 9.61 20.86
CA GLN N 21 6.88 8.33 21.35
C GLN N 21 6.78 7.29 20.24
N ASN N 22 6.58 7.72 18.98
CA ASN N 22 6.19 6.81 17.92
C ASN N 22 7.00 6.91 16.65
N ASP N 23 7.84 7.93 16.47
CA ASP N 23 8.58 8.07 15.22
C ASP N 23 9.87 8.85 15.43
N LYS N 24 10.89 8.19 15.99
CA LYS N 24 12.08 8.91 16.41
C LYS N 24 12.86 9.50 15.24
N LYS N 25 12.71 8.92 14.04
CA LYS N 25 13.42 9.46 12.88
C LYS N 25 12.89 10.85 12.51
N MET N 26 11.60 11.11 12.77
CA MET N 26 11.07 12.45 12.56
C MET N 26 11.70 13.44 13.54
N VAL N 27 11.86 13.04 14.80
CA VAL N 27 12.51 13.90 15.80
C VAL N 27 13.94 14.20 15.39
N LYS N 28 14.67 13.16 14.96
CA LYS N 28 16.04 13.33 14.51
C LYS N 28 16.13 14.36 13.39
N LYS N 29 15.18 14.32 12.45
CA LYS N 29 15.18 15.26 11.33
C LYS N 29 14.85 16.67 11.79
N ILE N 30 13.84 16.82 12.65
CA ILE N 30 13.46 18.13 13.16
C ILE N 30 14.63 18.76 13.92
N ASN N 31 15.32 17.97 14.74
CA ASN N 31 16.48 18.49 15.46
C ASN N 31 17.58 18.94 14.51
N GLU N 32 17.76 18.23 13.40
CA GLU N 32 18.76 18.64 12.42
C GLU N 32 18.38 19.95 11.74
N LEU N 33 17.08 20.14 11.50
CA LEU N 33 16.60 21.41 10.98
C LEU N 33 16.80 22.54 11.99
N LEU N 34 16.52 22.27 13.27
CA LEU N 34 16.73 23.26 14.31
C LEU N 34 18.19 23.64 14.43
N LYS N 35 19.09 22.65 14.33
CA LYS N 35 20.53 22.92 14.34
C LYS N 35 20.91 23.87 13.21
N SER N 36 20.37 23.62 12.01
CA SER N 36 20.71 24.45 10.85
C SER N 36 20.15 25.87 11.00
N ILE N 37 18.91 25.98 11.50
CA ILE N 37 18.32 27.31 11.73
C ILE N 37 19.18 28.10 12.70
N ASP N 38 19.58 27.47 13.81
CA ASP N 38 20.37 28.15 14.82
C ASP N 38 21.73 28.57 14.28
N ARG N 39 22.31 27.74 13.40
CA ARG N 39 23.66 28.00 12.91
C ARG N 39 23.65 29.02 11.76
N ASN N 40 22.69 28.91 10.85
CA ASN N 40 22.74 29.67 9.61
C ASN N 40 21.64 30.71 9.47
N GLY N 41 20.71 30.79 10.41
CA GLY N 41 19.62 31.73 10.28
C GLY N 41 18.44 31.14 9.55
N ALA N 42 17.39 31.96 9.43
CA ALA N 42 16.08 31.44 9.03
C ALA N 42 16.06 30.93 7.60
N LEU N 43 16.87 31.49 6.71
CA LEU N 43 16.72 31.27 5.27
C LEU N 43 17.86 30.47 4.65
N GLU N 44 18.80 29.98 5.45
CA GLU N 44 19.96 29.28 4.92
C GLU N 44 20.07 27.88 5.53
N GLY N 45 20.48 26.92 4.71
CA GLY N 45 20.72 25.58 5.16
C GLY N 45 19.76 24.57 4.54
N ILE N 46 19.64 23.42 5.22
CA ILE N 46 18.92 22.29 4.66
C ILE N 46 17.42 22.48 4.85
N GLY N 47 16.66 21.71 4.09
CA GLY N 47 15.22 21.64 4.24
C GLY N 47 14.42 22.53 3.30
N LYS N 48 15.07 23.13 2.29
CA LYS N 48 14.43 24.04 1.35
C LYS N 48 13.70 25.14 2.10
N PRO N 49 14.41 26.08 2.72
CA PRO N 49 13.74 27.16 3.46
C PRO N 49 12.88 28.00 2.53
N GLU N 50 11.72 28.41 3.03
CA GLU N 50 10.81 29.25 2.26
C GLU N 50 10.25 30.34 3.17
N LYS N 51 10.14 31.55 2.61
CA LYS N 51 9.52 32.67 3.30
C LYS N 51 8.01 32.61 3.06
N LEU N 52 7.24 32.50 4.14
CA LEU N 52 5.81 32.26 4.03
C LEU N 52 5.04 33.57 3.84
N LYS N 53 4.02 33.52 3.00
CA LYS N 53 3.17 34.66 2.69
C LYS N 53 1.86 34.54 3.44
N SER N 54 0.85 35.28 2.98
CA SER N 54 -0.49 35.25 3.57
C SER N 54 -0.42 35.66 5.03
N ASN N 55 -1.28 35.07 5.87
CA ASN N 55 -1.23 35.38 7.28
C ASN N 55 -0.10 34.66 8.00
N LEU N 56 0.72 33.89 7.28
CA LEU N 56 1.92 33.27 7.83
C LEU N 56 3.14 34.17 7.69
N THR N 57 2.97 35.39 7.16
CA THR N 57 4.07 36.32 6.98
C THR N 57 4.79 36.58 8.30
N GLY N 58 6.11 36.56 8.25
CA GLY N 58 6.95 36.56 9.42
C GLY N 58 7.46 35.19 9.81
N TYR N 59 6.85 34.14 9.28
CA TYR N 59 7.26 32.77 9.58
C TYR N 59 7.89 32.14 8.35
N TYR N 60 8.57 31.03 8.60
CA TYR N 60 9.31 30.32 7.56
C TYR N 60 8.98 28.84 7.68
N SER N 61 9.31 28.10 6.62
CA SER N 61 9.09 26.66 6.65
C SER N 61 10.28 25.94 6.06
N ARG N 62 10.57 24.78 6.63
CA ARG N 62 11.51 23.81 6.08
C ARG N 62 10.83 22.46 6.06
N ARG N 63 11.31 21.59 5.19
CA ARG N 63 10.70 20.27 5.00
C ARG N 63 11.28 19.28 6.00
N ILE N 64 10.41 18.65 6.79
CA ILE N 64 10.81 17.51 7.59
C ILE N 64 10.90 16.27 6.72
N ASN N 65 9.84 15.97 5.98
CA ASN N 65 9.89 14.99 4.89
C ASN N 65 8.97 15.51 3.78
N HIS N 66 8.56 14.62 2.88
CA HIS N 66 7.72 15.05 1.75
C HIS N 66 6.40 15.66 2.21
N GLU N 67 5.88 15.20 3.35
CA GLU N 67 4.56 15.60 3.83
C GLU N 67 4.60 16.72 4.86
N HIS N 68 5.50 16.63 5.85
CA HIS N 68 5.44 17.49 7.02
C HIS N 68 6.41 18.66 6.90
N ARG N 69 6.01 19.79 7.49
CA ARG N 69 6.79 21.02 7.47
C ARG N 69 7.07 21.47 8.89
N LEU N 70 8.27 22.01 9.09
CA LEU N 70 8.60 22.77 10.29
C LEU N 70 8.30 24.24 10.00
N VAL N 71 7.28 24.78 10.66
CA VAL N 71 6.90 26.19 10.51
C VAL N 71 7.38 26.94 11.73
N TYR N 72 8.25 27.92 11.51
CA TYR N 72 8.99 28.53 12.61
C TYR N 72 9.25 29.99 12.29
N THR N 73 9.69 30.71 13.32
CA THR N 73 10.20 32.07 13.18
C THR N 73 11.38 32.22 14.13
N VAL N 74 12.22 33.22 13.87
CA VAL N 74 13.38 33.50 14.71
C VAL N 74 13.22 34.91 15.25
N ASP N 75 13.09 35.03 16.57
CA ASP N 75 12.83 36.30 17.25
C ASP N 75 14.04 36.63 18.11
N ASP N 76 14.92 37.51 17.60
CA ASP N 76 16.14 37.88 18.30
C ASP N 76 16.96 36.64 18.66
N ASN N 77 17.20 35.78 17.65
CA ASN N 77 17.97 34.54 17.72
C ASN N 77 17.30 33.45 18.54
N HIS N 78 16.06 33.62 18.96
CA HIS N 78 15.30 32.60 19.67
C HIS N 78 14.28 31.99 18.72
N ILE N 79 14.33 30.67 18.57
CA ILE N 79 13.51 29.96 17.58
C ILE N 79 12.16 29.62 18.20
N LYS N 80 11.09 29.94 17.50
CA LYS N 80 9.73 29.62 17.91
C LYS N 80 9.09 28.74 16.85
N ILE N 81 8.41 27.67 17.27
CA ILE N 81 7.89 26.66 16.36
C ILE N 81 6.38 26.72 16.39
N ALA N 82 5.77 27.01 15.24
CA ALA N 82 4.31 26.99 15.15
C ALA N 82 3.79 25.61 14.80
N SER N 83 4.58 24.80 14.10
CA SER N 83 4.10 23.50 13.66
C SER N 83 5.29 22.63 13.25
N CYS N 84 5.14 21.32 13.47
CA CYS N 84 6.10 20.33 12.99
C CYS N 84 5.40 19.08 12.47
N LYS N 85 4.12 19.21 12.10
CA LYS N 85 3.34 18.08 11.64
C LYS N 85 2.10 18.60 10.94
N TYR N 86 1.77 18.01 9.79
CA TYR N 86 0.62 18.47 9.02
C TYR N 86 -0.67 18.02 9.67
N HIS N 87 -1.63 18.95 9.73
CA HIS N 87 -2.90 18.75 10.41
C HIS N 87 -4.02 18.59 9.39
N TYR N 88 -4.65 17.44 9.37
CA TYR N 88 -5.78 17.17 8.48
C TYR N 88 -7.11 17.36 9.20
#